data_1X22
#
_entry.id   1X22
#
_entity_poly.entity_id   1
_entity_poly.type   'polypeptide(L)'
_entity_poly.pdbx_seq_one_letter_code
;GKIPVKAIKKAGAAIGKGLRAINIASTAHDVYSFFKPKHKKK
;
_entity_poly.pdbx_strand_id   A
#
# COMPACT_ATOMS: atom_id res chain seq x y z
N GLY A 1 -24.61 0.71 19.61
CA GLY A 1 -25.69 1.72 19.81
C GLY A 1 -25.54 2.92 18.90
N LYS A 2 -25.16 4.05 19.47
CA LYS A 2 -24.97 5.27 18.70
C LYS A 2 -23.50 5.67 18.66
N ILE A 3 -22.69 4.86 18.00
CA ILE A 3 -21.26 5.12 17.89
C ILE A 3 -20.83 5.19 16.42
N PRO A 4 -20.15 6.28 16.04
CA PRO A 4 -19.67 6.48 14.67
C PRO A 4 -19.08 5.20 14.08
N VAL A 5 -19.93 4.42 13.42
CA VAL A 5 -19.50 3.17 12.81
C VAL A 5 -18.69 3.45 11.54
N LYS A 6 -19.14 4.43 10.78
CA LYS A 6 -18.46 4.81 9.55
C LYS A 6 -17.15 5.51 9.89
N ALA A 7 -16.97 5.84 11.16
CA ALA A 7 -15.76 6.51 11.62
C ALA A 7 -14.73 5.48 12.06
N ILE A 8 -15.21 4.46 12.78
CA ILE A 8 -14.34 3.39 13.23
C ILE A 8 -13.81 2.59 12.06
N LYS A 9 -14.62 2.52 11.00
CA LYS A 9 -14.23 1.80 9.79
C LYS A 9 -13.20 2.62 9.03
N LYS A 10 -13.56 3.86 8.73
CA LYS A 10 -12.66 4.75 8.01
C LYS A 10 -11.35 4.86 8.78
N ALA A 11 -11.41 4.64 10.08
CA ALA A 11 -10.22 4.68 10.93
C ALA A 11 -9.26 3.58 10.54
N GLY A 12 -9.77 2.35 10.51
CA GLY A 12 -8.94 1.24 10.13
C GLY A 12 -8.43 1.40 8.70
N ALA A 13 -9.04 2.35 7.98
CA ALA A 13 -8.67 2.62 6.60
C ALA A 13 -7.48 3.57 6.54
N ALA A 14 -7.40 4.48 7.51
CA ALA A 14 -6.31 5.45 7.56
C ALA A 14 -5.01 4.77 7.97
N ILE A 15 -5.11 3.79 8.86
CA ILE A 15 -3.94 3.05 9.33
C ILE A 15 -3.52 2.03 8.29
N GLY A 16 -4.50 1.45 7.60
CA GLY A 16 -4.21 0.47 6.58
C GLY A 16 -3.72 1.11 5.31
N LYS A 17 -4.22 2.31 5.02
CA LYS A 17 -3.81 3.04 3.83
C LYS A 17 -2.40 3.58 4.00
N GLY A 18 -2.02 3.88 5.24
CA GLY A 18 -0.70 4.39 5.51
C GLY A 18 0.37 3.35 5.26
N LEU A 19 0.23 2.19 5.88
CA LEU A 19 1.18 1.10 5.71
C LEU A 19 1.08 0.53 4.31
N ARG A 20 -0.12 0.53 3.75
CA ARG A 20 -0.34 0.02 2.41
C ARG A 20 0.39 0.89 1.39
N ALA A 21 0.20 2.20 1.51
CA ALA A 21 0.85 3.15 0.60
C ALA A 21 2.36 2.92 0.57
N ILE A 22 2.94 2.71 1.74
CA ILE A 22 4.38 2.48 1.84
C ILE A 22 4.73 1.08 1.35
N ASN A 23 3.77 0.17 1.42
CA ASN A 23 3.96 -1.19 0.97
C ASN A 23 4.03 -1.23 -0.55
N ILE A 24 2.94 -0.84 -1.19
CA ILE A 24 2.87 -0.82 -2.64
C ILE A 24 4.03 -0.04 -3.24
N ALA A 25 4.48 0.99 -2.52
CA ALA A 25 5.59 1.80 -3.01
C ALA A 25 6.89 1.02 -2.92
N SER A 26 7.13 0.42 -1.76
CA SER A 26 8.33 -0.37 -1.56
C SER A 26 8.30 -1.61 -2.45
N THR A 27 7.15 -1.87 -3.07
CA THR A 27 7.00 -3.04 -3.94
C THR A 27 7.32 -2.69 -5.39
N ALA A 28 7.09 -1.44 -5.77
CA ALA A 28 7.36 -0.99 -7.13
C ALA A 28 8.84 -1.07 -7.46
N HIS A 29 9.68 -0.62 -6.54
CA HIS A 29 11.12 -0.64 -6.76
C HIS A 29 11.65 -2.08 -6.72
N ASP A 30 11.06 -2.88 -5.84
CA ASP A 30 11.46 -4.28 -5.70
C ASP A 30 11.01 -5.08 -6.91
N VAL A 31 9.80 -4.79 -7.38
CA VAL A 31 9.26 -5.49 -8.53
C VAL A 31 9.90 -4.98 -9.82
N TYR A 32 10.07 -3.66 -9.90
CA TYR A 32 10.70 -3.05 -11.05
C TYR A 32 12.15 -3.50 -11.16
N SER A 33 12.68 -3.99 -10.04
CA SER A 33 14.05 -4.47 -9.98
C SER A 33 14.16 -5.83 -10.65
N PHE A 34 13.46 -6.82 -10.09
CA PHE A 34 13.47 -8.16 -10.66
C PHE A 34 12.69 -8.17 -11.98
N PHE A 35 12.04 -7.05 -12.27
CA PHE A 35 11.24 -6.91 -13.49
C PHE A 35 12.06 -7.25 -14.74
N LYS A 36 12.76 -6.25 -15.27
CA LYS A 36 13.58 -6.38 -16.48
C LYS A 36 13.37 -7.72 -17.19
N PRO A 37 13.92 -8.83 -16.64
CA PRO A 37 13.79 -10.15 -17.24
C PRO A 37 12.36 -10.44 -17.70
N LYS A 38 11.40 -9.90 -16.95
CA LYS A 38 9.99 -10.11 -17.26
C LYS A 38 9.39 -8.95 -18.04
N HIS A 39 9.17 -7.83 -17.35
CA HIS A 39 8.59 -6.65 -17.99
C HIS A 39 7.42 -7.04 -18.88
N LYS A 40 6.92 -6.09 -19.66
CA LYS A 40 5.80 -6.35 -20.55
C LYS A 40 6.27 -6.70 -21.96
N LYS A 41 5.33 -7.06 -22.82
CA LYS A 41 5.65 -7.41 -24.20
C LYS A 41 6.45 -6.30 -24.87
N LYS A 42 6.19 -5.06 -24.49
CA LYS A 42 6.89 -3.91 -25.06
C LYS A 42 7.77 -3.24 -24.02
N GLY A 1 -25.92 8.74 24.73
CA GLY A 1 -24.44 8.62 24.67
C GLY A 1 -23.96 8.05 23.35
N LYS A 2 -22.63 7.92 23.20
CA LYS A 2 -22.05 7.40 21.97
C LYS A 2 -20.53 7.39 22.04
N ILE A 3 -19.91 6.46 21.31
CA ILE A 3 -18.47 6.34 21.29
C ILE A 3 -17.90 6.64 19.91
N PRO A 4 -16.58 6.91 19.83
CA PRO A 4 -15.90 7.23 18.58
C PRO A 4 -15.74 6.02 17.65
N VAL A 5 -16.86 5.41 17.29
CA VAL A 5 -16.82 4.26 16.40
C VAL A 5 -16.61 4.70 14.96
N LYS A 6 -17.11 5.89 14.64
CA LYS A 6 -16.96 6.44 13.30
C LYS A 6 -15.49 6.69 13.00
N ALA A 7 -14.69 6.74 14.07
CA ALA A 7 -13.25 6.95 13.93
C ALA A 7 -12.55 5.60 13.81
N ILE A 8 -13.03 4.63 14.57
CA ILE A 8 -12.45 3.29 14.53
C ILE A 8 -12.78 2.62 13.21
N LYS A 9 -13.96 2.89 12.68
CA LYS A 9 -14.37 2.32 11.41
C LYS A 9 -13.69 3.07 10.27
N LYS A 10 -13.75 4.39 10.32
CA LYS A 10 -13.11 5.22 9.31
C LYS A 10 -11.62 4.91 9.27
N ALA A 11 -11.10 4.42 10.39
CA ALA A 11 -9.68 4.07 10.47
C ALA A 11 -9.40 2.86 9.60
N GLY A 12 -10.15 1.79 9.83
CA GLY A 12 -9.96 0.60 9.02
C GLY A 12 -10.02 0.95 7.54
N ALA A 13 -10.66 2.08 7.25
CA ALA A 13 -10.78 2.56 5.87
C ALA A 13 -9.50 3.25 5.43
N ALA A 14 -9.26 4.43 5.99
CA ALA A 14 -8.07 5.20 5.65
C ALA A 14 -6.83 4.34 5.83
N ILE A 15 -6.94 3.32 6.66
CA ILE A 15 -5.84 2.40 6.91
C ILE A 15 -5.53 1.62 5.65
N GLY A 16 -6.51 0.86 5.17
CA GLY A 16 -6.31 0.09 3.96
C GLY A 16 -5.61 0.91 2.90
N LYS A 17 -5.96 2.19 2.83
CA LYS A 17 -5.36 3.09 1.85
C LYS A 17 -3.93 3.42 2.26
N GLY A 18 -3.75 3.81 3.51
CA GLY A 18 -2.42 4.13 4.00
C GLY A 18 -1.47 2.98 3.81
N LEU A 19 -1.84 1.81 4.33
CA LEU A 19 -1.01 0.63 4.21
C LEU A 19 -0.83 0.28 2.73
N ARG A 20 -1.78 0.73 1.92
CA ARG A 20 -1.74 0.49 0.48
C ARG A 20 -0.51 1.15 -0.14
N ALA A 21 -0.36 2.44 0.12
CA ALA A 21 0.77 3.20 -0.40
C ALA A 21 2.09 2.52 -0.01
N ILE A 22 2.17 2.09 1.24
CA ILE A 22 3.37 1.42 1.73
C ILE A 22 3.60 0.11 0.99
N ASN A 23 2.51 -0.57 0.66
CA ASN A 23 2.59 -1.83 -0.08
C ASN A 23 3.15 -1.59 -1.47
N ILE A 24 2.44 -0.80 -2.26
CA ILE A 24 2.87 -0.47 -3.61
C ILE A 24 4.24 0.19 -3.59
N ALA A 25 4.54 0.88 -2.50
CA ALA A 25 5.82 1.55 -2.36
C ALA A 25 6.93 0.54 -2.13
N SER A 26 6.69 -0.40 -1.22
CA SER A 26 7.66 -1.44 -0.93
C SER A 26 7.78 -2.39 -2.11
N THR A 27 6.91 -2.21 -3.10
CA THR A 27 6.93 -3.04 -4.30
C THR A 27 7.81 -2.44 -5.37
N ALA A 28 7.58 -1.17 -5.68
CA ALA A 28 8.35 -0.47 -6.69
C ALA A 28 9.80 -0.92 -6.69
N HIS A 29 10.54 -0.52 -5.66
CA HIS A 29 11.95 -0.88 -5.54
C HIS A 29 12.15 -2.36 -5.83
N ASP A 30 11.24 -3.19 -5.32
CA ASP A 30 11.32 -4.63 -5.53
C ASP A 30 11.22 -4.96 -7.02
N VAL A 31 10.29 -4.31 -7.70
CA VAL A 31 10.09 -4.53 -9.12
C VAL A 31 11.36 -4.27 -9.91
N TYR A 32 11.69 -3.00 -10.10
CA TYR A 32 12.90 -2.63 -10.82
C TYR A 32 14.03 -3.58 -10.46
N SER A 33 13.99 -4.07 -9.23
CA SER A 33 15.00 -5.00 -8.73
C SER A 33 15.01 -6.28 -9.57
N PHE A 34 13.91 -7.02 -9.50
CA PHE A 34 13.79 -8.27 -10.25
C PHE A 34 13.18 -8.00 -11.62
N PHE A 35 13.33 -6.77 -12.09
CA PHE A 35 12.80 -6.36 -13.38
C PHE A 35 13.83 -6.54 -14.49
N LYS A 36 15.02 -5.96 -14.29
CA LYS A 36 16.09 -6.04 -15.28
C LYS A 36 16.28 -7.48 -15.78
N PRO A 37 16.08 -8.49 -14.91
CA PRO A 37 16.24 -9.90 -15.29
C PRO A 37 15.01 -10.45 -15.99
N LYS A 38 14.06 -9.56 -16.30
CA LYS A 38 12.83 -9.98 -16.98
C LYS A 38 12.28 -8.87 -17.85
N HIS A 39 11.98 -7.72 -17.25
CA HIS A 39 11.43 -6.58 -17.98
C HIS A 39 10.47 -7.04 -19.07
N LYS A 40 11.00 -7.25 -20.27
CA LYS A 40 10.19 -7.70 -21.40
C LYS A 40 10.87 -8.83 -22.15
N LYS A 41 10.85 -10.02 -21.55
CA LYS A 41 11.47 -11.19 -22.16
C LYS A 41 10.52 -12.38 -22.12
N LYS A 42 9.56 -12.41 -23.04
CA LYS A 42 8.59 -13.49 -23.12
C LYS A 42 9.25 -14.78 -23.62
N GLY A 1 -13.67 7.77 24.48
CA GLY A 1 -12.75 6.66 24.13
C GLY A 1 -12.80 6.32 22.65
N LYS A 2 -12.68 5.03 22.34
CA LYS A 2 -12.70 4.58 20.95
C LYS A 2 -13.76 3.50 20.75
N ILE A 3 -14.98 3.81 21.15
CA ILE A 3 -16.09 2.87 21.03
C ILE A 3 -16.82 3.03 19.70
N PRO A 4 -17.06 4.27 19.27
CA PRO A 4 -17.75 4.56 18.00
C PRO A 4 -17.22 3.73 16.85
N VAL A 5 -17.96 2.67 16.50
CA VAL A 5 -17.57 1.80 15.41
C VAL A 5 -17.34 2.61 14.14
N LYS A 6 -18.16 3.63 13.95
CA LYS A 6 -18.01 4.50 12.79
C LYS A 6 -16.69 5.25 12.88
N ALA A 7 -16.15 5.30 14.10
CA ALA A 7 -14.88 5.96 14.34
C ALA A 7 -13.76 4.97 14.10
N ILE A 8 -13.94 3.77 14.63
CA ILE A 8 -12.96 2.72 14.45
C ILE A 8 -12.74 2.48 12.96
N LYS A 9 -13.81 2.68 12.19
CA LYS A 9 -13.74 2.52 10.74
C LYS A 9 -13.01 3.71 10.14
N LYS A 10 -13.28 4.89 10.70
CA LYS A 10 -12.64 6.12 10.24
C LYS A 10 -11.13 5.97 10.30
N ALA A 11 -10.65 5.33 11.35
CA ALA A 11 -9.21 5.11 11.52
C ALA A 11 -8.74 4.08 10.49
N GLY A 12 -9.54 3.04 10.30
CA GLY A 12 -9.20 2.03 9.33
C GLY A 12 -9.28 2.57 7.93
N ALA A 13 -9.82 3.78 7.80
CA ALA A 13 -9.95 4.42 6.49
C ALA A 13 -8.64 5.10 6.10
N ALA A 14 -8.15 5.96 6.98
CA ALA A 14 -6.89 6.66 6.73
C ALA A 14 -5.74 5.66 6.70
N ILE A 15 -5.78 4.71 7.63
CA ILE A 15 -4.76 3.68 7.72
C ILE A 15 -4.84 2.75 6.51
N GLY A 16 -6.07 2.48 6.07
CA GLY A 16 -6.26 1.62 4.92
C GLY A 16 -5.66 2.23 3.66
N LYS A 17 -5.76 3.55 3.55
CA LYS A 17 -5.21 4.27 2.41
C LYS A 17 -3.69 4.16 2.42
N GLY A 18 -3.12 4.15 3.61
CA GLY A 18 -1.68 4.03 3.76
C GLY A 18 -1.19 2.68 3.26
N LEU A 19 -1.89 1.62 3.67
CA LEU A 19 -1.54 0.27 3.26
C LEU A 19 -1.43 0.20 1.75
N ARG A 20 -2.35 0.88 1.06
CA ARG A 20 -2.36 0.92 -0.39
C ARG A 20 -1.10 1.57 -0.92
N ALA A 21 -0.72 2.69 -0.31
CA ALA A 21 0.48 3.41 -0.72
C ALA A 21 1.73 2.60 -0.41
N ILE A 22 1.75 1.98 0.77
CA ILE A 22 2.88 1.17 1.19
C ILE A 22 2.98 -0.08 0.32
N ASN A 23 1.83 -0.60 -0.11
CA ASN A 23 1.81 -1.78 -0.97
C ASN A 23 2.64 -1.53 -2.21
N ILE A 24 2.17 -0.62 -3.06
CA ILE A 24 2.88 -0.28 -4.28
C ILE A 24 4.39 -0.18 -4.01
N ALA A 25 4.73 0.51 -2.94
CA ALA A 25 6.13 0.68 -2.58
C ALA A 25 6.78 -0.67 -2.30
N SER A 26 6.14 -1.47 -1.46
CA SER A 26 6.66 -2.78 -1.15
C SER A 26 6.86 -3.58 -2.43
N THR A 27 6.17 -3.13 -3.48
CA THR A 27 6.27 -3.79 -4.79
C THR A 27 7.36 -3.14 -5.62
N ALA A 28 7.67 -1.89 -5.30
CA ALA A 28 8.71 -1.15 -6.01
C ALA A 28 10.02 -1.92 -6.03
N HIS A 29 10.64 -2.03 -4.86
CA HIS A 29 11.89 -2.76 -4.73
C HIS A 29 11.82 -4.10 -5.46
N ASP A 30 10.69 -4.79 -5.30
CA ASP A 30 10.50 -6.08 -5.95
C ASP A 30 10.56 -5.93 -7.46
N VAL A 31 10.11 -4.78 -7.96
CA VAL A 31 10.12 -4.51 -9.39
C VAL A 31 11.49 -4.02 -9.85
N TYR A 32 11.99 -2.99 -9.19
CA TYR A 32 13.29 -2.44 -9.53
C TYR A 32 14.38 -3.50 -9.44
N SER A 33 14.05 -4.58 -8.75
CA SER A 33 14.98 -5.69 -8.59
C SER A 33 14.95 -6.60 -9.82
N PHE A 34 13.78 -7.17 -10.08
CA PHE A 34 13.61 -8.04 -11.24
C PHE A 34 13.74 -7.21 -12.51
N PHE A 35 13.76 -5.89 -12.35
CA PHE A 35 13.89 -4.97 -13.46
C PHE A 35 14.87 -5.48 -14.50
N LYS A 36 16.16 -5.21 -14.27
CA LYS A 36 17.24 -5.60 -15.17
C LYS A 36 16.75 -5.99 -16.57
N PRO A 37 16.17 -7.19 -16.73
CA PRO A 37 15.68 -7.65 -18.04
C PRO A 37 14.54 -6.78 -18.59
N LYS A 38 14.85 -6.01 -19.63
CA LYS A 38 13.85 -5.15 -20.26
C LYS A 38 13.57 -3.91 -19.42
N HIS A 39 14.44 -3.63 -18.46
CA HIS A 39 14.28 -2.47 -17.59
C HIS A 39 15.58 -1.68 -17.46
N LYS A 40 15.48 -0.47 -16.94
CA LYS A 40 16.64 0.39 -16.77
C LYS A 40 17.56 -0.11 -15.67
N LYS A 41 18.74 0.50 -15.56
CA LYS A 41 19.71 0.12 -14.55
C LYS A 41 20.28 -1.26 -14.82
N LYS A 42 21.56 -1.44 -14.50
CA LYS A 42 22.23 -2.73 -14.71
C LYS A 42 22.27 -3.08 -16.19
N GLY A 1 -27.14 9.26 18.69
CA GLY A 1 -27.84 7.94 18.72
C GLY A 1 -27.05 6.86 18.00
N LYS A 2 -27.23 5.62 18.45
CA LYS A 2 -26.53 4.49 17.84
C LYS A 2 -25.02 4.63 18.01
N ILE A 3 -24.28 3.59 17.66
CA ILE A 3 -22.82 3.60 17.78
C ILE A 3 -22.17 3.84 16.42
N PRO A 4 -21.35 4.89 16.32
CA PRO A 4 -20.65 5.23 15.08
C PRO A 4 -19.55 4.24 14.74
N VAL A 5 -19.95 3.01 14.41
CA VAL A 5 -18.98 1.97 14.07
C VAL A 5 -18.43 2.17 12.66
N LYS A 6 -19.25 2.76 11.79
CA LYS A 6 -18.82 3.02 10.42
C LYS A 6 -17.88 4.22 10.40
N ALA A 7 -17.83 4.94 11.53
CA ALA A 7 -16.97 6.10 11.65
C ALA A 7 -15.61 5.69 12.16
N ILE A 8 -15.60 4.84 13.18
CA ILE A 8 -14.37 4.35 13.75
C ILE A 8 -13.65 3.43 12.77
N LYS A 9 -14.44 2.75 11.95
CA LYS A 9 -13.88 1.86 10.93
C LYS A 9 -13.29 2.67 9.80
N LYS A 10 -14.03 3.70 9.38
CA LYS A 10 -13.57 4.57 8.31
C LYS A 10 -12.20 5.15 8.65
N ALA A 11 -12.00 5.42 9.94
CA ALA A 11 -10.72 5.96 10.41
C ALA A 11 -9.61 4.94 10.25
N GLY A 12 -9.90 3.72 10.69
CA GLY A 12 -8.92 2.65 10.57
C GLY A 12 -8.64 2.33 9.12
N ALA A 13 -9.46 2.89 8.23
CA ALA A 13 -9.30 2.66 6.80
C ALA A 13 -8.24 3.61 6.23
N ALA A 14 -8.34 4.88 6.58
CA ALA A 14 -7.38 5.88 6.11
C ALA A 14 -5.98 5.51 6.59
N ILE A 15 -5.90 4.98 7.81
CA ILE A 15 -4.63 4.57 8.38
C ILE A 15 -4.07 3.38 7.62
N GLY A 16 -4.95 2.44 7.29
CA GLY A 16 -4.55 1.27 6.55
C GLY A 16 -3.91 1.63 5.22
N LYS A 17 -4.44 2.67 4.59
CA LYS A 17 -3.92 3.13 3.31
C LYS A 17 -2.48 3.60 3.48
N GLY A 18 -2.26 4.46 4.46
CA GLY A 18 -0.92 4.96 4.71
C GLY A 18 0.08 3.83 4.81
N LEU A 19 -0.11 2.95 5.78
CA LEU A 19 0.76 1.80 5.95
C LEU A 19 0.89 1.06 4.63
N ARG A 20 -0.18 1.12 3.84
CA ARG A 20 -0.20 0.48 2.54
C ARG A 20 0.78 1.16 1.61
N ALA A 21 0.79 2.49 1.63
CA ALA A 21 1.70 3.26 0.80
C ALA A 21 3.11 2.74 0.96
N ILE A 22 3.47 2.39 2.20
CA ILE A 22 4.79 1.86 2.50
C ILE A 22 4.96 0.50 1.83
N ASN A 23 3.90 -0.29 1.84
CA ASN A 23 3.93 -1.61 1.22
C ASN A 23 4.17 -1.46 -0.27
N ILE A 24 3.23 -0.80 -0.95
CA ILE A 24 3.36 -0.58 -2.38
C ILE A 24 4.76 -0.09 -2.72
N ALA A 25 5.39 0.61 -1.76
CA ALA A 25 6.74 1.11 -1.95
C ALA A 25 7.74 -0.04 -1.94
N SER A 26 7.55 -0.98 -1.02
CA SER A 26 8.42 -2.14 -0.93
C SER A 26 8.22 -3.03 -2.16
N THR A 27 7.21 -2.72 -2.96
CA THR A 27 6.92 -3.48 -4.16
C THR A 27 7.66 -2.89 -5.36
N ALA A 28 7.79 -1.57 -5.38
CA ALA A 28 8.48 -0.88 -6.47
C ALA A 28 9.81 -1.54 -6.76
N HIS A 29 10.71 -1.51 -5.79
CA HIS A 29 12.04 -2.11 -5.94
C HIS A 29 11.92 -3.56 -6.41
N ASP A 30 10.89 -4.25 -5.93
CA ASP A 30 10.67 -5.65 -6.29
C ASP A 30 10.29 -5.76 -7.76
N VAL A 31 9.60 -4.73 -8.27
CA VAL A 31 9.17 -4.73 -9.66
C VAL A 31 10.30 -4.28 -10.59
N TYR A 32 10.73 -3.04 -10.42
CA TYR A 32 11.81 -2.49 -11.24
C TYR A 32 13.00 -3.45 -11.28
N SER A 33 13.06 -4.32 -10.27
CA SER A 33 14.14 -5.30 -10.16
C SER A 33 13.93 -6.44 -11.14
N PHE A 34 12.83 -7.17 -10.95
CA PHE A 34 12.50 -8.29 -11.82
C PHE A 34 12.20 -7.79 -13.22
N PHE A 35 12.01 -6.47 -13.32
CA PHE A 35 11.71 -5.83 -14.60
C PHE A 35 12.54 -6.41 -15.74
N LYS A 36 13.76 -5.89 -15.89
CA LYS A 36 14.68 -6.31 -16.95
C LYS A 36 13.99 -7.08 -18.09
N PRO A 37 13.65 -8.36 -17.88
CA PRO A 37 12.98 -9.16 -18.91
C PRO A 37 11.82 -8.41 -19.53
N LYS A 38 11.97 -8.03 -20.80
CA LYS A 38 10.92 -7.28 -21.49
C LYS A 38 10.88 -5.86 -20.97
N HIS A 39 10.50 -5.71 -19.70
CA HIS A 39 10.44 -4.42 -19.06
C HIS A 39 11.58 -3.51 -19.52
N LYS A 40 12.71 -4.14 -19.85
CA LYS A 40 13.88 -3.41 -20.32
C LYS A 40 13.49 -2.14 -21.07
N LYS A 41 14.00 -1.01 -20.59
CA LYS A 41 13.71 0.28 -21.22
C LYS A 41 13.89 0.22 -22.73
N LYS A 42 15.01 -0.35 -23.16
CA LYS A 42 15.32 -0.47 -24.58
C LYS A 42 15.57 -1.93 -24.95
N GLY A 1 -21.46 3.70 27.92
CA GLY A 1 -21.16 4.28 26.58
C GLY A 1 -21.77 3.47 25.45
N LYS A 2 -21.38 3.78 24.23
CA LYS A 2 -21.89 3.06 23.05
C LYS A 2 -20.77 2.33 22.32
N ILE A 3 -20.99 2.04 21.05
CA ILE A 3 -20.00 1.34 20.24
C ILE A 3 -19.65 2.15 18.99
N PRO A 4 -18.59 2.96 19.08
CA PRO A 4 -18.14 3.81 17.97
C PRO A 4 -17.44 3.02 16.87
N VAL A 5 -18.19 2.19 16.16
CA VAL A 5 -17.64 1.40 15.08
C VAL A 5 -17.42 2.28 13.84
N LYS A 6 -18.34 3.20 13.62
CA LYS A 6 -18.25 4.11 12.48
C LYS A 6 -16.99 4.95 12.61
N ALA A 7 -16.43 5.00 13.81
CA ALA A 7 -15.22 5.76 14.08
C ALA A 7 -14.01 4.88 13.84
N ILE A 8 -14.14 3.61 14.19
CA ILE A 8 -13.06 2.65 13.99
C ILE A 8 -12.89 2.35 12.51
N LYS A 9 -13.98 2.48 11.76
CA LYS A 9 -13.96 2.24 10.32
C LYS A 9 -13.31 3.42 9.62
N LYS A 10 -13.78 4.62 9.96
CA LYS A 10 -13.24 5.84 9.37
C LYS A 10 -11.74 5.92 9.62
N ALA A 11 -11.29 5.47 10.78
CA ALA A 11 -9.88 5.47 11.12
C ALA A 11 -9.12 4.49 10.26
N GLY A 12 -9.68 3.29 10.11
CA GLY A 12 -9.06 2.28 9.28
C GLY A 12 -9.01 2.71 7.83
N ALA A 13 -9.75 3.78 7.52
CA ALA A 13 -9.80 4.31 6.18
C ALA A 13 -8.57 5.15 5.88
N ALA A 14 -8.33 6.17 6.70
CA ALA A 14 -7.18 7.05 6.52
C ALA A 14 -5.89 6.28 6.77
N ILE A 15 -5.80 5.63 7.92
CA ILE A 15 -4.63 4.84 8.27
C ILE A 15 -4.48 3.68 7.30
N GLY A 16 -5.61 3.16 6.84
CA GLY A 16 -5.59 2.06 5.89
C GLY A 16 -5.01 2.47 4.55
N LYS A 17 -5.40 3.66 4.09
CA LYS A 17 -4.90 4.19 2.83
C LYS A 17 -3.37 4.29 2.88
N GLY A 18 -2.85 4.67 4.03
CA GLY A 18 -1.42 4.80 4.19
C GLY A 18 -0.71 3.46 4.05
N LEU A 19 -1.26 2.44 4.71
CA LEU A 19 -0.69 1.10 4.66
C LEU A 19 -0.67 0.61 3.22
N ARG A 20 -1.71 0.97 2.47
CA ARG A 20 -1.81 0.57 1.07
C ARG A 20 -0.60 1.09 0.28
N ALA A 21 -0.23 2.34 0.53
CA ALA A 21 0.90 2.95 -0.14
C ALA A 21 2.16 2.13 0.13
N ILE A 22 2.32 1.68 1.36
CA ILE A 22 3.47 0.89 1.74
C ILE A 22 3.50 -0.42 0.96
N ASN A 23 2.31 -0.92 0.62
CA ASN A 23 2.21 -2.16 -0.15
C ASN A 23 2.74 -1.92 -1.56
N ILE A 24 2.06 -1.06 -2.30
CA ILE A 24 2.47 -0.73 -3.65
C ILE A 24 3.96 -0.41 -3.67
N ALA A 25 4.45 0.11 -2.55
CA ALA A 25 5.86 0.43 -2.42
C ALA A 25 6.69 -0.84 -2.39
N SER A 26 6.19 -1.84 -1.67
CA SER A 26 6.88 -3.12 -1.59
C SER A 26 7.01 -3.70 -2.99
N THR A 27 6.20 -3.19 -3.91
CA THR A 27 6.23 -3.63 -5.29
C THR A 27 7.35 -2.93 -6.04
N ALA A 28 7.54 -1.65 -5.75
CA ALA A 28 8.59 -0.87 -6.39
C ALA A 28 9.91 -1.61 -6.33
N HIS A 29 10.25 -2.11 -5.15
CA HIS A 29 11.49 -2.85 -4.95
C HIS A 29 11.46 -4.14 -5.75
N ASP A 30 10.27 -4.73 -5.86
CA ASP A 30 10.11 -5.98 -6.60
C ASP A 30 10.35 -5.75 -8.10
N VAL A 31 9.92 -4.60 -8.58
CA VAL A 31 10.08 -4.26 -9.99
C VAL A 31 11.56 -4.07 -10.32
N TYR A 32 12.14 -2.97 -9.87
CA TYR A 32 13.55 -2.70 -10.11
C TYR A 32 14.34 -3.99 -9.97
N SER A 33 13.86 -4.86 -9.09
CA SER A 33 14.50 -6.14 -8.84
C SER A 33 14.54 -6.98 -10.10
N PHE A 34 13.37 -7.36 -10.59
CA PHE A 34 13.27 -8.17 -11.81
C PHE A 34 13.16 -7.26 -13.03
N PHE A 35 13.70 -6.06 -12.89
CA PHE A 35 13.68 -5.08 -13.97
C PHE A 35 14.91 -5.20 -14.86
N LYS A 36 16.07 -4.95 -14.29
CA LYS A 36 17.32 -5.03 -15.04
C LYS A 36 17.32 -6.26 -15.95
N PRO A 37 16.86 -7.42 -15.41
CA PRO A 37 16.81 -8.68 -16.15
C PRO A 37 15.71 -8.67 -17.22
N LYS A 38 14.86 -7.65 -17.19
CA LYS A 38 13.78 -7.52 -18.15
C LYS A 38 13.79 -6.14 -18.81
N HIS A 39 13.52 -5.11 -18.01
CA HIS A 39 13.50 -3.75 -18.50
C HIS A 39 12.75 -3.65 -19.82
N LYS A 40 12.80 -2.47 -20.44
CA LYS A 40 12.12 -2.25 -21.71
C LYS A 40 13.11 -2.31 -22.87
N LYS A 41 14.31 -2.77 -22.60
CA LYS A 41 15.35 -2.88 -23.63
C LYS A 41 15.73 -1.51 -24.14
N LYS A 42 16.96 -1.39 -24.66
CA LYS A 42 17.44 -0.12 -25.19
C LYS A 42 16.76 0.21 -26.51
N GLY A 1 -21.35 8.34 24.10
CA GLY A 1 -20.97 7.02 23.55
C GLY A 1 -20.10 7.14 22.30
N LYS A 2 -20.66 6.75 21.16
CA LYS A 2 -19.94 6.81 19.89
C LYS A 2 -20.92 6.90 18.72
N ILE A 3 -21.22 8.13 18.31
CA ILE A 3 -22.13 8.36 17.19
C ILE A 3 -21.40 8.29 15.86
N PRO A 4 -20.27 9.00 15.74
CA PRO A 4 -19.46 9.03 14.52
C PRO A 4 -18.46 7.89 14.46
N VAL A 5 -18.94 6.66 14.61
CA VAL A 5 -18.07 5.48 14.57
C VAL A 5 -17.70 5.14 13.14
N LYS A 6 -18.61 5.39 12.21
CA LYS A 6 -18.36 5.11 10.81
C LYS A 6 -17.26 6.04 10.28
N ALA A 7 -16.98 7.10 11.05
CA ALA A 7 -15.95 8.05 10.69
C ALA A 7 -14.61 7.59 11.21
N ILE A 8 -14.58 7.26 12.50
CA ILE A 8 -13.36 6.77 13.13
C ILE A 8 -12.97 5.42 12.55
N LYS A 9 -13.96 4.70 12.04
CA LYS A 9 -13.72 3.39 11.43
C LYS A 9 -13.09 3.57 10.06
N LYS A 10 -13.62 4.50 9.29
CA LYS A 10 -13.11 4.78 7.95
C LYS A 10 -11.64 5.15 8.01
N ALA A 11 -11.28 5.91 9.04
CA ALA A 11 -9.89 6.34 9.21
C ALA A 11 -8.99 5.15 9.46
N GLY A 12 -9.37 4.33 10.44
CA GLY A 12 -8.60 3.15 10.75
C GLY A 12 -8.49 2.25 9.55
N ALA A 13 -9.35 2.49 8.55
CA ALA A 13 -9.35 1.69 7.33
C ALA A 13 -8.26 2.17 6.37
N ALA A 14 -8.10 3.49 6.28
CA ALA A 14 -7.09 4.07 5.41
C ALA A 14 -5.69 3.81 5.96
N ILE A 15 -5.56 3.90 7.29
CA ILE A 15 -4.28 3.66 7.93
C ILE A 15 -3.81 2.24 7.68
N GLY A 16 -4.70 1.28 7.89
CA GLY A 16 -4.37 -0.11 7.67
C GLY A 16 -3.97 -0.37 6.23
N LYS A 17 -4.75 0.17 5.30
CA LYS A 17 -4.47 -0.01 3.88
C LYS A 17 -3.18 0.71 3.50
N GLY A 18 -2.92 1.81 4.19
CA GLY A 18 -1.73 2.59 3.91
C GLY A 18 -0.47 1.76 4.02
N LEU A 19 -0.34 1.02 5.11
CA LEU A 19 0.83 0.18 5.33
C LEU A 19 0.92 -0.93 4.29
N ARG A 20 -0.20 -1.60 4.06
CA ARG A 20 -0.25 -2.68 3.08
C ARG A 20 0.08 -2.17 1.68
N ALA A 21 -0.59 -1.09 1.28
CA ALA A 21 -0.36 -0.50 -0.03
C ALA A 21 1.07 0.00 -0.18
N ILE A 22 1.64 0.47 0.92
CA ILE A 22 3.01 0.98 0.90
C ILE A 22 4.02 -0.16 0.96
N ASN A 23 3.61 -1.26 1.58
CA ASN A 23 4.49 -2.43 1.70
C ASN A 23 4.70 -3.06 0.33
N ILE A 24 3.62 -3.49 -0.30
CA ILE A 24 3.68 -4.09 -1.62
C ILE A 24 4.23 -3.12 -2.64
N ALA A 25 3.90 -1.84 -2.46
CA ALA A 25 4.37 -0.82 -3.38
C ALA A 25 5.86 -0.58 -3.20
N SER A 26 6.27 -0.39 -1.95
CA SER A 26 7.68 -0.19 -1.65
C SER A 26 8.48 -1.37 -2.18
N THR A 27 7.79 -2.47 -2.43
CA THR A 27 8.43 -3.68 -2.95
C THR A 27 8.40 -3.68 -4.47
N ALA A 28 7.20 -3.48 -5.02
CA ALA A 28 7.03 -3.45 -6.47
C ALA A 28 7.96 -2.40 -7.08
N HIS A 29 8.02 -1.24 -6.44
CA HIS A 29 8.87 -0.16 -6.90
C HIS A 29 10.32 -0.63 -7.00
N ASP A 30 10.82 -1.19 -5.91
CA ASP A 30 12.19 -1.70 -5.88
C ASP A 30 12.36 -2.83 -6.89
N VAL A 31 11.34 -3.66 -7.01
CA VAL A 31 11.38 -4.79 -7.94
C VAL A 31 11.39 -4.29 -9.38
N TYR A 32 10.22 -3.96 -9.91
CA TYR A 32 10.09 -3.48 -11.29
C TYR A 32 11.36 -2.74 -11.70
N SER A 33 11.93 -2.02 -10.76
CA SER A 33 13.16 -1.28 -10.98
C SER A 33 14.23 -2.19 -11.55
N PHE A 34 14.67 -3.13 -10.72
CA PHE A 34 15.68 -4.09 -11.14
C PHE A 34 15.02 -5.31 -11.75
N PHE A 35 13.76 -5.12 -12.16
CA PHE A 35 12.99 -6.20 -12.77
C PHE A 35 12.63 -5.89 -14.21
N LYS A 36 13.42 -5.06 -14.86
CA LYS A 36 13.18 -4.74 -16.26
C LYS A 36 14.05 -5.61 -17.17
N PRO A 37 15.37 -5.64 -16.89
CA PRO A 37 16.32 -6.44 -17.68
C PRO A 37 16.08 -7.94 -17.50
N LYS A 38 15.53 -8.57 -18.54
CA LYS A 38 15.25 -10.00 -18.50
C LYS A 38 13.98 -10.27 -17.70
N HIS A 39 14.03 -9.91 -16.42
CA HIS A 39 12.88 -10.10 -15.53
C HIS A 39 11.57 -9.86 -16.27
N LYS A 40 10.48 -10.40 -15.72
CA LYS A 40 9.16 -10.25 -16.31
C LYS A 40 8.22 -11.36 -15.85
N LYS A 41 7.44 -11.09 -14.82
CA LYS A 41 6.50 -12.08 -14.29
C LYS A 41 5.72 -11.52 -13.11
N LYS A 42 6.43 -11.10 -12.08
CA LYS A 42 5.81 -10.55 -10.88
C LYS A 42 5.73 -9.03 -10.96
N GLY A 1 -11.63 11.08 25.82
CA GLY A 1 -12.66 10.01 25.78
C GLY A 1 -12.53 9.12 24.56
N LYS A 2 -13.63 8.97 23.82
CA LYS A 2 -13.62 8.14 22.62
C LYS A 2 -13.98 8.97 21.39
N ILE A 3 -12.96 9.37 20.64
CA ILE A 3 -13.15 10.16 19.44
C ILE A 3 -14.07 9.45 18.44
N PRO A 4 -14.67 10.21 17.52
CA PRO A 4 -15.56 9.65 16.51
C PRO A 4 -15.19 8.25 16.09
N VAL A 5 -16.02 7.28 16.46
CA VAL A 5 -15.77 5.89 16.13
C VAL A 5 -16.10 5.63 14.67
N LYS A 6 -17.10 6.34 14.16
CA LYS A 6 -17.48 6.18 12.77
C LYS A 6 -16.39 6.78 11.88
N ALA A 7 -15.55 7.61 12.50
CA ALA A 7 -14.45 8.24 11.79
C ALA A 7 -13.23 7.34 11.83
N ILE A 8 -12.96 6.81 13.02
CA ILE A 8 -11.83 5.91 13.19
C ILE A 8 -12.05 4.64 12.38
N LYS A 9 -13.31 4.36 12.08
CA LYS A 9 -13.67 3.19 11.29
C LYS A 9 -13.34 3.44 9.82
N LYS A 10 -13.97 4.47 9.26
CA LYS A 10 -13.73 4.82 7.87
C LYS A 10 -12.26 5.12 7.65
N ALA A 11 -11.60 5.63 8.68
CA ALA A 11 -10.18 5.95 8.61
C ALA A 11 -9.37 4.67 8.60
N GLY A 12 -9.69 3.77 9.50
CA GLY A 12 -8.99 2.50 9.55
C GLY A 12 -9.11 1.75 8.26
N ALA A 13 -10.07 2.17 7.43
CA ALA A 13 -10.30 1.53 6.13
C ALA A 13 -9.28 2.03 5.10
N ALA A 14 -9.19 3.35 4.97
CA ALA A 14 -8.25 3.95 4.03
C ALA A 14 -6.82 3.84 4.55
N ILE A 15 -6.65 4.10 5.83
CA ILE A 15 -5.34 4.01 6.46
C ILE A 15 -4.86 2.56 6.50
N GLY A 16 -5.82 1.64 6.55
CA GLY A 16 -5.50 0.23 6.57
C GLY A 16 -4.89 -0.24 5.26
N LYS A 17 -5.49 0.16 4.16
CA LYS A 17 -4.99 -0.22 2.84
C LYS A 17 -3.78 0.64 2.46
N GLY A 18 -3.63 1.76 3.17
CA GLY A 18 -2.51 2.65 2.91
C GLY A 18 -1.20 2.10 3.43
N LEU A 19 -1.27 1.42 4.58
CA LEU A 19 -0.09 0.83 5.18
C LEU A 19 0.26 -0.49 4.51
N ARG A 20 -0.76 -1.30 4.27
CA ARG A 20 -0.57 -2.59 3.61
C ARG A 20 -0.16 -2.39 2.17
N ALA A 21 -0.76 -1.40 1.51
CA ALA A 21 -0.45 -1.10 0.12
C ALA A 21 0.94 -0.48 0.02
N ILE A 22 1.28 0.36 0.99
CA ILE A 22 2.58 1.02 1.01
C ILE A 22 3.68 -0.01 1.21
N ASN A 23 3.37 -1.09 1.92
CA ASN A 23 4.33 -2.15 2.16
C ASN A 23 4.66 -2.86 0.85
N ILE A 24 3.65 -3.49 0.27
CA ILE A 24 3.81 -4.20 -0.99
C ILE A 24 4.32 -3.25 -2.07
N ALA A 25 3.94 -1.99 -1.95
CA ALA A 25 4.36 -0.97 -2.90
C ALA A 25 5.82 -0.63 -2.71
N SER A 26 6.24 -0.52 -1.46
CA SER A 26 7.62 -0.23 -1.15
C SER A 26 8.51 -1.35 -1.68
N THR A 27 7.88 -2.51 -1.93
CA THR A 27 8.59 -3.66 -2.45
C THR A 27 8.53 -3.68 -3.98
N ALA A 28 7.36 -3.35 -4.52
CA ALA A 28 7.15 -3.33 -5.96
C ALA A 28 8.15 -2.40 -6.65
N HIS A 29 8.37 -1.24 -6.06
CA HIS A 29 9.30 -0.27 -6.62
C HIS A 29 10.71 -0.86 -6.73
N ASP A 30 11.10 -1.61 -5.70
CA ASP A 30 12.42 -2.25 -5.68
C ASP A 30 12.51 -3.32 -6.76
N VAL A 31 11.52 -4.18 -6.82
CA VAL A 31 11.49 -5.25 -7.81
C VAL A 31 11.41 -4.67 -9.21
N TYR A 32 10.34 -3.92 -9.47
CA TYR A 32 10.15 -3.28 -10.76
C TYR A 32 11.44 -2.57 -11.18
N SER A 33 12.23 -2.21 -10.18
CA SER A 33 13.51 -1.53 -10.40
C SER A 33 14.47 -2.41 -11.18
N PHE A 34 14.86 -3.51 -10.57
CA PHE A 34 15.78 -4.46 -11.19
C PHE A 34 15.06 -5.27 -12.27
N PHE A 35 13.77 -4.98 -12.44
CA PHE A 35 12.94 -5.67 -13.43
C PHE A 35 13.43 -5.45 -14.85
N LYS A 36 13.49 -4.19 -15.26
CA LYS A 36 13.93 -3.82 -16.62
C LYS A 36 14.86 -4.87 -17.20
N PRO A 37 15.99 -5.13 -16.52
CA PRO A 37 16.98 -6.10 -16.97
C PRO A 37 16.37 -7.40 -17.49
N LYS A 38 15.18 -7.72 -17.00
CA LYS A 38 14.48 -8.94 -17.40
C LYS A 38 13.08 -8.63 -17.90
N HIS A 39 12.26 -8.03 -17.04
CA HIS A 39 10.89 -7.68 -17.38
C HIS A 39 10.13 -8.89 -17.91
N LYS A 40 10.10 -9.06 -19.23
CA LYS A 40 9.41 -10.18 -19.85
C LYS A 40 10.19 -10.69 -21.05
N LYS A 41 11.20 -11.50 -20.79
CA LYS A 41 12.03 -12.07 -21.86
C LYS A 41 12.57 -13.44 -21.47
N LYS A 42 12.73 -14.31 -22.45
CA LYS A 42 13.24 -15.66 -22.20
C LYS A 42 14.09 -16.14 -23.37
N GLY A 1 -19.32 10.00 27.24
CA GLY A 1 -18.41 11.10 26.80
C GLY A 1 -18.35 11.22 25.29
N LYS A 2 -17.99 10.14 24.62
CA LYS A 2 -17.91 10.13 23.17
C LYS A 2 -17.68 8.71 22.65
N ILE A 3 -18.52 8.29 21.71
CA ILE A 3 -18.41 6.95 21.13
C ILE A 3 -18.38 7.01 19.61
N PRO A 4 -17.33 7.61 19.03
CA PRO A 4 -17.18 7.73 17.57
C PRO A 4 -16.86 6.40 16.91
N VAL A 5 -17.83 5.50 16.92
CA VAL A 5 -17.66 4.19 16.31
C VAL A 5 -17.54 4.33 14.81
N LYS A 6 -18.41 5.16 14.24
CA LYS A 6 -18.40 5.39 12.80
C LYS A 6 -17.09 6.05 12.40
N ALA A 7 -16.37 6.57 13.40
CA ALA A 7 -15.08 7.21 13.15
C ALA A 7 -14.00 6.16 13.13
N ILE A 8 -14.12 5.17 14.02
CA ILE A 8 -13.16 4.09 14.11
C ILE A 8 -13.20 3.27 12.82
N LYS A 9 -14.40 3.05 12.30
CA LYS A 9 -14.56 2.30 11.06
C LYS A 9 -13.91 3.05 9.91
N LYS A 10 -14.25 4.32 9.78
CA LYS A 10 -13.70 5.15 8.73
C LYS A 10 -12.18 5.21 8.85
N ALA A 11 -11.69 5.15 10.08
CA ALA A 11 -10.25 5.18 10.34
C ALA A 11 -9.61 3.89 9.87
N GLY A 12 -10.22 2.77 10.26
CA GLY A 12 -9.70 1.48 9.84
C GLY A 12 -9.66 1.38 8.32
N ALA A 13 -10.40 2.27 7.66
CA ALA A 13 -10.45 2.31 6.21
C ALA A 13 -9.23 3.03 5.66
N ALA A 14 -9.05 4.28 6.07
CA ALA A 14 -7.90 5.07 5.62
C ALA A 14 -6.60 4.34 5.92
N ILE A 15 -6.56 3.64 7.06
CA ILE A 15 -5.38 2.89 7.45
C ILE A 15 -5.09 1.81 6.42
N GLY A 16 -6.12 1.04 6.07
CA GLY A 16 -5.94 -0.01 5.10
C GLY A 16 -5.22 0.49 3.86
N LYS A 17 -5.56 1.70 3.43
CA LYS A 17 -4.94 2.31 2.27
C LYS A 17 -3.51 2.72 2.59
N GLY A 18 -3.32 3.32 3.75
CA GLY A 18 -2.00 3.74 4.16
C GLY A 18 -1.00 2.59 4.12
N LEU A 19 -1.43 1.44 4.62
CA LEU A 19 -0.57 0.25 4.63
C LEU A 19 -0.15 -0.10 3.20
N ARG A 20 -1.13 -0.20 2.32
CA ARG A 20 -0.87 -0.51 0.92
C ARG A 20 0.04 0.54 0.31
N ALA A 21 0.07 1.71 0.92
CA ALA A 21 0.90 2.82 0.46
C ALA A 21 2.38 2.49 0.62
N ILE A 22 2.73 1.98 1.81
CA ILE A 22 4.12 1.64 2.10
C ILE A 22 4.52 0.35 1.37
N ASN A 23 3.59 -0.61 1.34
CA ASN A 23 3.85 -1.88 0.68
C ASN A 23 4.15 -1.66 -0.80
N ILE A 24 3.23 -1.00 -1.50
CA ILE A 24 3.40 -0.73 -2.92
C ILE A 24 4.70 0.04 -3.17
N ALA A 25 5.02 0.96 -2.28
CA ALA A 25 6.23 1.76 -2.42
C ALA A 25 7.46 0.90 -2.21
N SER A 26 7.47 0.13 -1.12
CA SER A 26 8.59 -0.75 -0.83
C SER A 26 8.68 -1.82 -1.91
N THR A 27 7.64 -1.92 -2.73
CA THR A 27 7.61 -2.90 -3.81
C THR A 27 8.19 -2.31 -5.09
N ALA A 28 7.80 -1.07 -5.40
CA ALA A 28 8.28 -0.39 -6.59
C ALA A 28 9.71 -0.78 -6.90
N HIS A 29 10.65 -0.24 -6.12
CA HIS A 29 12.06 -0.52 -6.31
C HIS A 29 12.29 -2.02 -6.48
N ASP A 30 11.58 -2.82 -5.70
CA ASP A 30 11.71 -4.26 -5.77
C ASP A 30 11.32 -4.77 -7.16
N VAL A 31 10.41 -4.06 -7.81
CA VAL A 31 9.95 -4.44 -9.14
C VAL A 31 11.02 -4.14 -10.19
N TYR A 32 11.45 -2.89 -10.26
CA TYR A 32 12.47 -2.48 -11.22
C TYR A 32 13.68 -3.38 -11.10
N SER A 33 13.81 -4.04 -9.95
CA SER A 33 14.93 -4.94 -9.70
C SER A 33 14.78 -6.24 -10.45
N PHE A 34 13.73 -6.99 -10.14
CA PHE A 34 13.47 -8.25 -10.81
C PHE A 34 12.98 -8.00 -12.22
N PHE A 35 12.78 -6.73 -12.56
CA PHE A 35 12.32 -6.33 -13.87
C PHE A 35 13.06 -7.07 -14.98
N LYS A 36 14.30 -6.63 -15.24
CA LYS A 36 15.16 -7.20 -16.28
C LYS A 36 14.48 -8.35 -17.03
N PRO A 37 14.33 -9.52 -16.38
CA PRO A 37 13.72 -10.68 -16.99
C PRO A 37 12.59 -10.33 -17.96
N LYS A 38 11.62 -9.56 -17.49
CA LYS A 38 10.50 -9.16 -18.31
C LYS A 38 10.74 -7.83 -19.02
N HIS A 39 11.07 -6.81 -18.24
CA HIS A 39 11.33 -5.48 -18.79
C HIS A 39 10.29 -5.12 -19.84
N LYS A 40 10.56 -5.49 -21.10
CA LYS A 40 9.64 -5.19 -22.19
C LYS A 40 8.86 -6.45 -22.59
N LYS A 41 7.63 -6.24 -23.04
CA LYS A 41 6.77 -7.34 -23.46
C LYS A 41 5.43 -6.82 -23.98
N LYS A 42 5.51 -5.80 -24.83
CA LYS A 42 4.32 -5.18 -25.41
C LYS A 42 3.57 -6.18 -26.30
N GLY A 1 -27.01 3.60 20.14
CA GLY A 1 -25.76 3.02 19.54
C GLY A 1 -26.05 1.98 18.49
N LYS A 2 -25.58 2.23 17.27
CA LYS A 2 -25.80 1.30 16.17
C LYS A 2 -24.93 1.66 14.96
N ILE A 3 -24.92 0.77 13.97
CA ILE A 3 -24.14 0.98 12.75
C ILE A 3 -22.86 1.78 13.03
N PRO A 4 -22.00 1.26 13.92
CA PRO A 4 -20.74 1.91 14.26
C PRO A 4 -19.60 1.53 13.33
N VAL A 5 -19.97 1.22 12.09
CA VAL A 5 -18.99 0.83 11.09
C VAL A 5 -18.27 2.05 10.52
N LYS A 6 -18.94 3.20 10.55
CA LYS A 6 -18.33 4.42 10.05
C LYS A 6 -17.12 4.75 10.91
N ALA A 7 -17.15 4.25 12.15
CA ALA A 7 -16.06 4.46 13.08
C ALA A 7 -14.96 3.45 12.78
N ILE A 8 -15.39 2.22 12.49
CA ILE A 8 -14.47 1.16 12.16
C ILE A 8 -13.71 1.53 10.89
N LYS A 9 -14.42 2.13 9.94
CA LYS A 9 -13.82 2.56 8.69
C LYS A 9 -12.72 3.58 8.96
N LYS A 10 -13.01 4.53 9.83
CA LYS A 10 -12.05 5.57 10.19
C LYS A 10 -10.72 4.94 10.59
N ALA A 11 -10.78 3.88 11.38
CA ALA A 11 -9.56 3.20 11.82
C ALA A 11 -8.84 2.56 10.64
N GLY A 12 -9.60 1.85 9.81
CA GLY A 12 -9.00 1.23 8.64
C GLY A 12 -8.61 2.26 7.60
N ALA A 13 -8.96 3.53 7.87
CA ALA A 13 -8.63 4.61 6.95
C ALA A 13 -7.24 5.17 7.24
N ALA A 14 -6.91 5.28 8.52
CA ALA A 14 -5.61 5.79 8.93
C ALA A 14 -4.54 4.71 8.82
N ILE A 15 -4.92 3.48 9.14
CA ILE A 15 -3.99 2.36 9.08
C ILE A 15 -3.86 1.88 7.64
N GLY A 16 -4.93 2.05 6.86
CA GLY A 16 -4.90 1.64 5.47
C GLY A 16 -4.16 2.63 4.60
N LYS A 17 -4.21 3.90 4.99
CA LYS A 17 -3.52 4.95 4.24
C LYS A 17 -2.02 4.92 4.51
N GLY A 18 -1.66 4.64 5.76
CA GLY A 18 -0.25 4.55 6.12
C GLY A 18 0.44 3.41 5.41
N LEU A 19 -0.13 2.22 5.54
CA LEU A 19 0.44 1.04 4.89
C LEU A 19 0.33 1.17 3.37
N ARG A 20 -0.61 2.01 2.92
CA ARG A 20 -0.80 2.24 1.49
C ARG A 20 0.43 2.93 0.90
N ALA A 21 0.97 3.89 1.64
CA ALA A 21 2.15 4.63 1.20
C ALA A 21 3.36 3.71 1.14
N ILE A 22 3.52 2.88 2.16
CA ILE A 22 4.63 1.94 2.22
C ILE A 22 4.46 0.84 1.17
N ASN A 23 3.22 0.61 0.77
CA ASN A 23 2.91 -0.40 -0.23
C ASN A 23 3.34 0.06 -1.62
N ILE A 24 2.95 1.28 -1.97
CA ILE A 24 3.30 1.84 -3.27
C ILE A 24 4.81 1.96 -3.42
N ALA A 25 5.49 2.25 -2.32
CA ALA A 25 6.93 2.38 -2.34
C ALA A 25 7.59 1.01 -2.39
N SER A 26 6.95 0.04 -1.76
CA SER A 26 7.47 -1.32 -1.74
C SER A 26 7.10 -2.03 -3.04
N THR A 27 6.32 -1.36 -3.89
CA THR A 27 5.91 -1.93 -5.16
C THR A 27 6.90 -1.58 -6.26
N ALA A 28 7.09 -0.29 -6.50
CA ALA A 28 8.01 0.16 -7.54
C ALA A 28 9.35 -0.54 -7.41
N HIS A 29 9.82 -0.69 -6.17
CA HIS A 29 11.09 -1.36 -5.91
C HIS A 29 10.98 -2.84 -6.25
N ASP A 30 9.89 -3.47 -5.82
CA ASP A 30 9.66 -4.88 -6.07
C ASP A 30 9.48 -5.13 -7.57
N VAL A 31 9.16 -4.08 -8.31
CA VAL A 31 8.96 -4.20 -9.75
C VAL A 31 10.28 -4.32 -10.47
N TYR A 32 11.11 -3.29 -10.39
CA TYR A 32 12.41 -3.29 -11.03
C TYR A 32 13.22 -4.48 -10.55
N SER A 33 12.82 -5.03 -9.42
CA SER A 33 13.50 -6.19 -8.84
C SER A 33 13.04 -7.47 -9.52
N PHE A 34 11.75 -7.75 -9.41
CA PHE A 34 11.17 -8.94 -10.04
C PHE A 34 11.29 -8.82 -11.55
N PHE A 35 11.57 -7.60 -12.01
CA PHE A 35 11.73 -7.31 -13.43
C PHE A 35 12.39 -8.47 -14.17
N LYS A 36 13.72 -8.51 -14.13
CA LYS A 36 14.52 -9.53 -14.80
C LYS A 36 13.75 -10.24 -15.94
N PRO A 37 12.88 -11.22 -15.61
CA PRO A 37 12.10 -11.95 -16.63
C PRO A 37 11.10 -11.05 -17.35
N LYS A 38 11.23 -10.99 -18.67
CA LYS A 38 10.33 -10.17 -19.50
C LYS A 38 10.57 -8.69 -19.29
N HIS A 39 11.64 -8.35 -18.58
CA HIS A 39 11.98 -6.95 -18.30
C HIS A 39 13.42 -6.64 -18.70
N LYS A 40 14.28 -6.34 -17.73
CA LYS A 40 15.67 -6.01 -18.02
C LYS A 40 16.59 -6.43 -16.87
N LYS A 41 17.73 -5.75 -16.75
CA LYS A 41 18.69 -6.05 -15.69
C LYS A 41 19.66 -7.14 -16.12
N LYS A 42 20.80 -7.22 -15.44
CA LYS A 42 21.81 -8.22 -15.75
C LYS A 42 22.18 -8.18 -17.23
N GLY A 1 -20.30 3.08 25.00
CA GLY A 1 -18.94 2.48 25.05
C GLY A 1 -17.85 3.53 24.92
N LYS A 2 -17.18 3.55 23.78
CA LYS A 2 -16.10 4.50 23.54
C LYS A 2 -15.86 4.68 22.05
N ILE A 3 -15.58 5.92 21.64
CA ILE A 3 -15.32 6.24 20.25
C ILE A 3 -16.39 5.67 19.32
N PRO A 4 -17.19 6.55 18.70
CA PRO A 4 -18.25 6.15 17.77
C PRO A 4 -17.83 4.99 16.89
N VAL A 5 -18.69 3.98 16.79
CA VAL A 5 -18.39 2.82 15.97
C VAL A 5 -18.15 3.26 14.53
N LYS A 6 -18.69 4.40 14.17
CA LYS A 6 -18.50 4.95 12.84
C LYS A 6 -17.20 5.74 12.81
N ALA A 7 -16.66 6.01 14.00
CA ALA A 7 -15.41 6.74 14.13
C ALA A 7 -14.27 5.74 14.13
N ILE A 8 -14.48 4.62 14.80
CA ILE A 8 -13.49 3.57 14.86
C ILE A 8 -13.26 3.01 13.46
N LYS A 9 -14.34 2.89 12.69
CA LYS A 9 -14.26 2.40 11.33
C LYS A 9 -13.47 3.37 10.48
N LYS A 10 -13.85 4.63 10.52
CA LYS A 10 -13.17 5.67 9.77
C LYS A 10 -11.66 5.57 10.00
N ALA A 11 -11.30 5.28 11.25
CA ALA A 11 -9.89 5.14 11.60
C ALA A 11 -9.27 3.97 10.85
N GLY A 12 -9.98 2.84 10.85
CA GLY A 12 -9.49 1.69 10.13
C GLY A 12 -9.22 2.02 8.68
N ALA A 13 -9.82 3.12 8.22
CA ALA A 13 -9.65 3.57 6.85
C ALA A 13 -8.30 4.24 6.68
N ALA A 14 -7.97 5.14 7.60
CA ALA A 14 -6.69 5.84 7.56
C ALA A 14 -5.55 4.85 7.39
N ILE A 15 -5.54 3.82 8.23
CA ILE A 15 -4.52 2.79 8.16
C ILE A 15 -4.55 2.12 6.80
N GLY A 16 -5.75 1.86 6.31
CA GLY A 16 -5.91 1.23 5.01
C GLY A 16 -5.23 2.03 3.92
N LYS A 17 -5.31 3.35 4.02
CA LYS A 17 -4.70 4.24 3.04
C LYS A 17 -3.20 3.97 2.98
N GLY A 18 -2.57 3.95 4.14
CA GLY A 18 -1.14 3.70 4.20
C GLY A 18 -0.78 2.38 3.54
N LEU A 19 -1.49 1.33 3.92
CA LEU A 19 -1.26 0.01 3.35
C LEU A 19 -1.28 0.09 1.83
N ARG A 20 -2.07 1.01 1.30
CA ARG A 20 -2.18 1.19 -0.14
C ARG A 20 -0.90 1.80 -0.70
N ALA A 21 -0.34 2.76 0.02
CA ALA A 21 0.89 3.42 -0.39
C ALA A 21 2.07 2.47 -0.26
N ILE A 22 2.07 1.66 0.78
CA ILE A 22 3.14 0.71 1.03
C ILE A 22 3.11 -0.40 -0.02
N ASN A 23 1.92 -0.72 -0.52
CA ASN A 23 1.77 -1.76 -1.53
C ASN A 23 2.47 -1.33 -2.82
N ILE A 24 1.98 -0.26 -3.43
CA ILE A 24 2.56 0.25 -4.66
C ILE A 24 4.05 0.47 -4.49
N ALA A 25 4.46 0.86 -3.28
CA ALA A 25 5.86 1.10 -2.99
C ALA A 25 6.60 -0.23 -2.89
N SER A 26 5.91 -1.25 -2.39
CA SER A 26 6.49 -2.57 -2.25
C SER A 26 6.62 -3.23 -3.62
N THR A 27 6.03 -2.60 -4.64
CA THR A 27 6.08 -3.13 -5.99
C THR A 27 7.31 -2.62 -6.73
N ALA A 28 7.45 -1.30 -6.79
CA ALA A 28 8.59 -0.68 -7.46
C ALA A 28 9.87 -1.45 -7.18
N HIS A 29 10.30 -1.43 -5.92
CA HIS A 29 11.51 -2.14 -5.51
C HIS A 29 11.47 -3.57 -6.03
N ASP A 30 10.31 -4.21 -5.91
CA ASP A 30 10.14 -5.57 -6.38
C ASP A 30 10.52 -5.68 -7.85
N VAL A 31 10.02 -4.73 -8.64
CA VAL A 31 10.32 -4.70 -10.07
C VAL A 31 11.80 -4.42 -10.28
N TYR A 32 12.24 -3.26 -9.81
CA TYR A 32 13.64 -2.87 -9.92
C TYR A 32 14.53 -4.05 -9.54
N SER A 33 13.99 -4.91 -8.68
CA SER A 33 14.70 -6.09 -8.22
C SER A 33 15.02 -7.03 -9.38
N PHE A 34 13.97 -7.57 -9.99
CA PHE A 34 14.12 -8.47 -11.11
C PHE A 34 14.18 -7.68 -12.42
N PHE A 35 14.48 -6.40 -12.30
CA PHE A 35 14.56 -5.52 -13.45
C PHE A 35 15.99 -5.42 -13.96
N LYS A 36 16.95 -5.53 -13.06
CA LYS A 36 18.36 -5.45 -13.45
C LYS A 36 18.67 -6.43 -14.57
N PRO A 37 18.22 -7.68 -14.45
CA PRO A 37 18.47 -8.71 -15.46
C PRO A 37 17.54 -8.54 -16.66
N LYS A 38 16.59 -7.62 -16.54
CA LYS A 38 15.63 -7.36 -17.61
C LYS A 38 15.75 -5.91 -18.10
N HIS A 39 15.21 -4.98 -17.33
CA HIS A 39 15.27 -3.57 -17.67
C HIS A 39 15.03 -3.35 -19.16
N LYS A 40 15.26 -2.13 -19.62
CA LYS A 40 15.05 -1.78 -21.02
C LYS A 40 16.18 -2.35 -21.88
N LYS A 41 17.29 -2.69 -21.24
CA LYS A 41 18.45 -3.24 -21.95
C LYS A 41 19.55 -3.60 -20.97
N LYS A 42 20.19 -4.75 -21.21
CA LYS A 42 21.27 -5.22 -20.35
C LYS A 42 20.74 -5.60 -18.97
N GLY A 1 -20.10 10.13 21.40
CA GLY A 1 -19.94 9.84 22.85
C GLY A 1 -18.58 9.26 23.17
N LYS A 2 -18.48 8.55 24.30
CA LYS A 2 -17.24 7.94 24.72
C LYS A 2 -16.76 6.92 23.68
N ILE A 3 -15.49 6.53 23.78
CA ILE A 3 -14.92 5.55 22.86
C ILE A 3 -15.41 5.79 21.43
N PRO A 4 -14.91 6.84 20.77
CA PRO A 4 -15.28 7.17 19.40
C PRO A 4 -14.90 6.08 18.41
N VAL A 5 -15.74 5.06 18.30
CA VAL A 5 -15.49 3.96 17.39
C VAL A 5 -15.78 4.36 15.95
N LYS A 6 -16.78 5.21 15.78
CA LYS A 6 -17.13 5.67 14.44
C LYS A 6 -15.99 6.53 13.88
N ALA A 7 -15.13 6.98 14.78
CA ALA A 7 -13.98 7.79 14.39
C ALA A 7 -12.80 6.89 14.09
N ILE A 8 -12.62 5.88 14.92
CA ILE A 8 -11.54 4.92 14.74
C ILE A 8 -11.82 4.06 13.53
N LYS A 9 -13.11 3.86 13.24
CA LYS A 9 -13.53 3.07 12.10
C LYS A 9 -13.24 3.82 10.81
N LYS A 10 -13.69 5.07 10.75
CA LYS A 10 -13.46 5.89 9.58
C LYS A 10 -11.97 5.96 9.28
N ALA A 11 -11.16 5.98 10.33
CA ALA A 11 -9.72 6.02 10.18
C ALA A 11 -9.22 4.67 9.70
N GLY A 12 -9.81 3.61 10.24
CA GLY A 12 -9.43 2.28 9.82
C GLY A 12 -9.73 2.06 8.35
N ALA A 13 -10.55 2.95 7.80
CA ALA A 13 -10.90 2.87 6.38
C ALA A 13 -9.81 3.49 5.53
N ALA A 14 -9.50 4.75 5.80
CA ALA A 14 -8.45 5.45 5.06
C ALA A 14 -7.11 4.75 5.26
N ILE A 15 -6.90 4.26 6.48
CA ILE A 15 -5.67 3.55 6.79
C ILE A 15 -5.58 2.29 5.93
N GLY A 16 -6.69 1.57 5.86
CA GLY A 16 -6.74 0.36 5.06
C GLY A 16 -6.16 0.59 3.68
N LYS A 17 -6.57 1.69 3.06
CA LYS A 17 -6.08 2.04 1.74
C LYS A 17 -4.59 2.32 1.80
N GLY A 18 -4.15 2.85 2.94
CA GLY A 18 -2.74 3.15 3.13
C GLY A 18 -1.90 1.90 3.11
N LEU A 19 -2.39 0.83 3.75
CA LEU A 19 -1.67 -0.44 3.78
C LEU A 19 -1.51 -0.97 2.38
N ARG A 20 -2.56 -0.85 1.58
CA ARG A 20 -2.52 -1.31 0.20
C ARG A 20 -1.53 -0.48 -0.60
N ALA A 21 -1.24 0.72 -0.08
CA ALA A 21 -0.31 1.62 -0.73
C ALA A 21 1.13 1.16 -0.51
N ILE A 22 1.50 0.97 0.75
CA ILE A 22 2.84 0.51 1.08
C ILE A 22 3.12 -0.83 0.41
N ASN A 23 2.05 -1.54 0.06
CA ASN A 23 2.18 -2.83 -0.60
C ASN A 23 2.56 -2.65 -2.07
N ILE A 24 1.79 -1.81 -2.76
CA ILE A 24 2.06 -1.55 -4.16
C ILE A 24 3.44 -0.93 -4.33
N ALA A 25 3.84 -0.13 -3.34
CA ALA A 25 5.15 0.50 -3.36
C ALA A 25 6.22 -0.53 -3.01
N SER A 26 5.84 -1.46 -2.13
CA SER A 26 6.76 -2.52 -1.72
C SER A 26 7.05 -3.43 -2.91
N THR A 27 6.22 -3.32 -3.93
CA THR A 27 6.39 -4.12 -5.14
C THR A 27 7.27 -3.40 -6.15
N ALA A 28 6.93 -2.15 -6.43
CA ALA A 28 7.69 -1.34 -7.38
C ALA A 28 9.18 -1.46 -7.10
N HIS A 29 9.55 -1.28 -5.84
CA HIS A 29 10.95 -1.37 -5.44
C HIS A 29 11.50 -2.75 -5.79
N ASP A 30 10.64 -3.76 -5.67
CA ASP A 30 11.04 -5.13 -6.00
C ASP A 30 11.33 -5.26 -7.49
N VAL A 31 10.52 -4.58 -8.30
CA VAL A 31 10.70 -4.61 -9.74
C VAL A 31 12.06 -4.04 -10.12
N TYR A 32 12.21 -2.73 -9.95
CA TYR A 32 13.47 -2.07 -10.26
C TYR A 32 14.60 -2.94 -9.74
N SER A 33 14.31 -3.67 -8.68
CA SER A 33 15.27 -4.57 -8.06
C SER A 33 15.82 -5.56 -9.07
N PHE A 34 14.97 -6.46 -9.54
CA PHE A 34 15.36 -7.46 -10.52
C PHE A 34 15.28 -6.87 -11.93
N PHE A 35 15.08 -5.56 -12.00
CA PHE A 35 14.99 -4.86 -13.27
C PHE A 35 16.35 -4.42 -13.77
N LYS A 36 17.17 -3.89 -12.87
CA LYS A 36 18.51 -3.45 -13.23
C LYS A 36 19.11 -4.35 -14.30
N PRO A 37 19.09 -5.67 -14.05
CA PRO A 37 19.63 -6.67 -14.96
C PRO A 37 18.64 -7.03 -16.07
N LYS A 38 17.36 -6.84 -15.80
CA LYS A 38 16.31 -7.16 -16.77
C LYS A 38 16.13 -6.03 -17.78
N HIS A 39 15.97 -4.81 -17.28
CA HIS A 39 15.78 -3.64 -18.13
C HIS A 39 16.53 -3.79 -19.45
N LYS A 40 17.86 -3.80 -19.35
CA LYS A 40 18.72 -3.94 -20.52
C LYS A 40 18.73 -2.66 -21.35
N LYS A 41 19.33 -1.62 -20.80
CA LYS A 41 19.40 -0.33 -21.49
C LYS A 41 20.06 -0.48 -22.86
N LYS A 42 21.34 -0.84 -22.85
CA LYS A 42 22.08 -1.01 -24.09
C LYS A 42 22.28 -2.50 -24.40
N GLY A 1 -12.42 8.56 20.80
CA GLY A 1 -12.09 7.40 21.66
C GLY A 1 -11.62 6.19 20.86
N LYS A 2 -12.10 5.01 21.23
CA LYS A 2 -11.73 3.79 20.54
C LYS A 2 -12.96 2.94 20.25
N ILE A 3 -13.89 2.90 21.21
CA ILE A 3 -15.12 2.13 21.05
C ILE A 3 -15.87 2.53 19.79
N PRO A 4 -15.99 3.84 19.55
CA PRO A 4 -16.69 4.37 18.38
C PRO A 4 -16.34 3.62 17.10
N VAL A 5 -17.12 2.59 16.79
CA VAL A 5 -16.90 1.81 15.60
C VAL A 5 -17.00 2.68 14.36
N LYS A 6 -17.99 3.57 14.36
CA LYS A 6 -18.16 4.49 13.24
C LYS A 6 -16.88 5.28 13.06
N ALA A 7 -16.10 5.36 14.13
CA ALA A 7 -14.83 6.06 14.10
C ALA A 7 -13.73 5.12 13.63
N ILE A 8 -13.84 3.87 14.06
CA ILE A 8 -12.88 2.85 13.66
C ILE A 8 -12.98 2.61 12.16
N LYS A 9 -14.16 2.84 11.62
CA LYS A 9 -14.41 2.66 10.19
C LYS A 9 -13.76 3.79 9.41
N LYS A 10 -14.08 5.02 9.79
CA LYS A 10 -13.51 6.19 9.14
C LYS A 10 -11.99 6.17 9.29
N ALA A 11 -11.53 5.73 10.45
CA ALA A 11 -10.10 5.64 10.70
C ALA A 11 -9.49 4.51 9.91
N GLY A 12 -10.21 3.39 9.86
CA GLY A 12 -9.74 2.26 9.09
C GLY A 12 -9.70 2.56 7.61
N ALA A 13 -10.31 3.69 7.24
CA ALA A 13 -10.33 4.11 5.84
C ALA A 13 -9.05 4.84 5.47
N ALA A 14 -8.73 5.87 6.25
CA ALA A 14 -7.51 6.65 6.01
C ALA A 14 -6.27 5.83 6.36
N ILE A 15 -6.37 5.07 7.45
CA ILE A 15 -5.27 4.23 7.88
C ILE A 15 -5.02 3.11 6.88
N GLY A 16 -6.10 2.55 6.35
CA GLY A 16 -5.98 1.48 5.38
C GLY A 16 -5.27 1.93 4.13
N LYS A 17 -5.47 3.19 3.75
CA LYS A 17 -4.83 3.74 2.57
C LYS A 17 -3.32 3.81 2.76
N GLY A 18 -2.90 4.27 3.93
CA GLY A 18 -1.49 4.38 4.21
C GLY A 18 -0.77 3.05 4.09
N LEU A 19 -1.38 1.99 4.60
CA LEU A 19 -0.80 0.65 4.53
C LEU A 19 -0.63 0.22 3.07
N ARG A 20 -1.66 0.47 2.27
CA ARG A 20 -1.62 0.11 0.85
C ARG A 20 -0.52 0.85 0.13
N ALA A 21 -0.18 2.04 0.62
CA ALA A 21 0.87 2.86 0.02
C ALA A 21 2.24 2.22 0.21
N ILE A 22 2.49 1.70 1.41
CA ILE A 22 3.75 1.06 1.74
C ILE A 22 3.88 -0.28 1.02
N ASN A 23 2.81 -1.05 1.02
CA ASN A 23 2.80 -2.35 0.37
C ASN A 23 3.28 -2.24 -1.08
N ILE A 24 2.50 -1.54 -1.90
CA ILE A 24 2.85 -1.34 -3.30
C ILE A 24 4.26 -0.79 -3.44
N ALA A 25 4.67 0.02 -2.48
CA ALA A 25 6.00 0.62 -2.50
C ALA A 25 7.07 -0.46 -2.30
N SER A 26 6.86 -1.29 -1.29
CA SER A 26 7.79 -2.37 -1.01
C SER A 26 7.88 -3.32 -2.20
N THR A 27 6.91 -3.19 -3.11
CA THR A 27 6.87 -4.03 -4.29
C THR A 27 7.63 -3.39 -5.45
N ALA A 28 7.43 -2.10 -5.63
CA ALA A 28 8.10 -1.36 -6.71
C ALA A 28 9.61 -1.56 -6.66
N HIS A 29 10.14 -1.72 -5.46
CA HIS A 29 11.58 -1.92 -5.28
C HIS A 29 12.01 -3.28 -5.83
N ASP A 30 11.34 -4.34 -5.38
CA ASP A 30 11.66 -5.68 -5.83
C ASP A 30 11.39 -5.83 -7.32
N VAL A 31 10.47 -5.04 -7.85
CA VAL A 31 10.13 -5.09 -9.26
C VAL A 31 11.10 -4.24 -10.08
N TYR A 32 11.51 -3.11 -9.52
CA TYR A 32 12.44 -2.23 -10.21
C TYR A 32 13.83 -2.85 -10.27
N SER A 33 14.05 -3.86 -9.45
CA SER A 33 15.32 -4.55 -9.39
C SER A 33 15.35 -5.71 -10.38
N PHE A 34 14.40 -6.62 -10.23
CA PHE A 34 14.31 -7.78 -11.13
C PHE A 34 13.76 -7.33 -12.47
N PHE A 35 13.28 -6.09 -12.53
CA PHE A 35 12.73 -5.53 -13.75
C PHE A 35 13.55 -5.95 -14.95
N LYS A 36 14.70 -5.29 -15.13
CA LYS A 36 15.63 -5.56 -16.24
C LYS A 36 14.96 -6.31 -17.39
N PRO A 37 14.77 -7.65 -17.24
CA PRO A 37 14.13 -8.47 -18.27
C PRO A 37 12.82 -7.85 -18.76
N LYS A 38 12.14 -7.15 -17.87
CA LYS A 38 10.88 -6.49 -18.20
C LYS A 38 11.12 -5.11 -18.79
N HIS A 39 11.19 -4.11 -17.92
CA HIS A 39 11.43 -2.74 -18.36
C HIS A 39 10.63 -2.42 -19.62
N LYS A 40 10.94 -1.29 -20.23
CA LYS A 40 10.25 -0.87 -21.46
C LYS A 40 10.73 -1.67 -22.67
N LYS A 41 9.80 -1.98 -23.56
CA LYS A 41 10.13 -2.74 -24.76
C LYS A 41 9.50 -2.12 -26.00
N LYS A 42 8.19 -2.04 -26.00
CA LYS A 42 7.44 -1.46 -27.12
C LYS A 42 7.40 -2.43 -28.29
N GLY A 1 -16.35 -3.38 16.70
CA GLY A 1 -16.66 -1.95 16.96
C GLY A 1 -18.09 -1.74 17.44
N LYS A 2 -18.33 -0.61 18.09
CA LYS A 2 -19.65 -0.30 18.61
C LYS A 2 -20.59 0.14 17.47
N ILE A 3 -21.72 0.72 17.83
CA ILE A 3 -22.70 1.18 16.85
C ILE A 3 -22.02 1.92 15.70
N PRO A 4 -21.06 2.80 16.02
CA PRO A 4 -20.33 3.59 15.01
C PRO A 4 -19.34 2.75 14.22
N VAL A 5 -19.84 2.04 13.21
CA VAL A 5 -18.98 1.21 12.37
C VAL A 5 -18.15 2.10 11.45
N LYS A 6 -18.79 3.12 10.90
CA LYS A 6 -18.09 4.05 10.02
C LYS A 6 -17.08 4.87 10.82
N ALA A 7 -17.16 4.77 12.14
CA ALA A 7 -16.26 5.49 13.02
C ALA A 7 -15.00 4.65 13.24
N ILE A 8 -15.21 3.38 13.54
CA ILE A 8 -14.10 2.46 13.77
C ILE A 8 -13.41 2.16 12.45
N LYS A 9 -14.19 2.11 11.38
CA LYS A 9 -13.65 1.85 10.05
C LYS A 9 -12.85 3.06 9.58
N LYS A 10 -13.37 4.25 9.88
CA LYS A 10 -12.71 5.48 9.49
C LYS A 10 -11.28 5.49 10.04
N ALA A 11 -11.14 5.02 11.28
CA ALA A 11 -9.83 4.97 11.91
C ALA A 11 -8.94 3.99 11.16
N GLY A 12 -9.51 2.84 10.80
CA GLY A 12 -8.76 1.85 10.06
C GLY A 12 -8.45 2.34 8.66
N ALA A 13 -9.03 3.48 8.29
CA ALA A 13 -8.81 4.07 6.97
C ALA A 13 -7.54 4.91 6.98
N ALA A 14 -7.36 5.71 8.03
CA ALA A 14 -6.19 6.55 8.16
C ALA A 14 -4.95 5.70 8.32
N ILE A 15 -5.01 4.74 9.24
CA ILE A 15 -3.89 3.84 9.48
C ILE A 15 -3.69 2.94 8.27
N GLY A 16 -4.79 2.50 7.67
CA GLY A 16 -4.71 1.66 6.50
C GLY A 16 -4.12 2.42 5.32
N LYS A 17 -4.42 3.71 5.26
CA LYS A 17 -3.91 4.56 4.20
C LYS A 17 -2.39 4.52 4.20
N GLY A 18 -1.81 4.62 5.40
CA GLY A 18 -0.37 4.57 5.52
C GLY A 18 0.19 3.28 4.99
N LEU A 19 -0.46 2.17 5.33
CA LEU A 19 -0.04 0.86 4.86
C LEU A 19 -0.15 0.78 3.34
N ARG A 20 -1.17 1.44 2.80
CA ARG A 20 -1.39 1.47 1.35
C ARG A 20 -0.18 2.08 0.65
N ALA A 21 0.24 3.24 1.12
CA ALA A 21 1.39 3.93 0.54
C ALA A 21 2.59 2.99 0.47
N ILE A 22 2.78 2.22 1.53
CA ILE A 22 3.89 1.27 1.60
C ILE A 22 3.71 0.16 0.57
N ASN A 23 2.45 -0.17 0.27
CA ASN A 23 2.15 -1.21 -0.71
C ASN A 23 2.68 -0.82 -2.09
N ILE A 24 2.14 0.28 -2.63
CA ILE A 24 2.57 0.76 -3.93
C ILE A 24 4.08 0.89 -3.99
N ALA A 25 4.68 1.23 -2.85
CA ALA A 25 6.12 1.39 -2.77
C ALA A 25 6.80 0.02 -2.80
N SER A 26 6.16 -0.95 -2.15
CA SER A 26 6.68 -2.31 -2.12
C SER A 26 6.54 -2.97 -3.49
N THR A 27 5.82 -2.30 -4.39
CA THR A 27 5.61 -2.81 -5.74
C THR A 27 6.73 -2.34 -6.67
N ALA A 28 6.95 -1.04 -6.71
CA ALA A 28 8.00 -0.47 -7.55
C ALA A 28 9.34 -1.12 -7.22
N HIS A 29 9.49 -1.54 -5.97
CA HIS A 29 10.73 -2.19 -5.53
C HIS A 29 10.75 -3.63 -6.04
N ASP A 30 9.63 -4.32 -5.93
CA ASP A 30 9.54 -5.70 -6.39
C ASP A 30 9.70 -5.78 -7.90
N VAL A 31 9.36 -4.70 -8.58
CA VAL A 31 9.48 -4.64 -10.03
C VAL A 31 10.93 -4.49 -10.46
N TYR A 32 11.49 -3.31 -10.25
CA TYR A 32 12.88 -3.06 -10.61
C TYR A 32 13.74 -4.25 -10.22
N SER A 33 13.30 -4.97 -9.19
CA SER A 33 14.01 -6.14 -8.70
C SER A 33 14.02 -7.24 -9.76
N PHE A 34 12.83 -7.77 -10.06
CA PHE A 34 12.69 -8.81 -11.06
C PHE A 34 12.92 -8.25 -12.46
N PHE A 35 13.08 -6.94 -12.54
CA PHE A 35 13.32 -6.26 -13.81
C PHE A 35 14.58 -6.78 -14.49
N LYS A 36 15.73 -6.25 -14.06
CA LYS A 36 17.03 -6.62 -14.61
C LYS A 36 16.94 -7.28 -15.99
N PRO A 37 16.57 -8.58 -16.06
CA PRO A 37 16.44 -9.30 -17.33
C PRO A 37 15.60 -8.55 -18.35
N LYS A 38 14.62 -7.78 -17.86
CA LYS A 38 13.74 -7.02 -18.73
C LYS A 38 14.32 -5.63 -19.02
N HIS A 39 14.25 -4.76 -18.02
CA HIS A 39 14.76 -3.39 -18.16
C HIS A 39 14.56 -2.89 -19.58
N LYS A 40 15.57 -3.08 -20.42
CA LYS A 40 15.51 -2.64 -21.82
C LYS A 40 16.64 -3.27 -22.63
N LYS A 41 16.71 -4.59 -22.60
CA LYS A 41 17.74 -5.32 -23.33
C LYS A 41 17.66 -5.00 -24.83
N LYS A 42 18.81 -4.69 -25.43
CA LYS A 42 18.87 -4.36 -26.85
C LYS A 42 18.21 -5.46 -27.68
N GLY A 1 -12.66 7.01 22.36
CA GLY A 1 -13.26 6.38 23.57
C GLY A 1 -13.46 4.89 23.43
N LYS A 2 -14.44 4.35 24.14
CA LYS A 2 -14.73 2.92 24.10
C LYS A 2 -16.19 2.68 23.74
N ILE A 3 -16.53 2.89 22.47
CA ILE A 3 -17.90 2.69 21.99
C ILE A 3 -18.08 3.20 20.55
N PRO A 4 -17.45 4.33 20.18
CA PRO A 4 -17.57 4.89 18.83
C PRO A 4 -16.94 4.00 17.78
N VAL A 5 -17.71 3.04 17.28
CA VAL A 5 -17.21 2.12 16.26
C VAL A 5 -17.20 2.81 14.90
N LYS A 6 -18.23 3.60 14.66
CA LYS A 6 -18.32 4.33 13.39
C LYS A 6 -17.19 5.35 13.32
N ALA A 7 -16.59 5.63 14.48
CA ALA A 7 -15.49 6.57 14.55
C ALA A 7 -14.19 5.87 14.21
N ILE A 8 -13.92 4.79 14.95
CA ILE A 8 -12.73 4.00 14.70
C ILE A 8 -12.76 3.44 13.28
N LYS A 9 -13.96 3.34 12.73
CA LYS A 9 -14.13 2.84 11.37
C LYS A 9 -13.60 3.84 10.36
N LYS A 10 -14.09 5.07 10.44
CA LYS A 10 -13.63 6.11 9.53
C LYS A 10 -12.11 6.18 9.53
N ALA A 11 -11.52 6.08 10.71
CA ALA A 11 -10.07 6.10 10.84
C ALA A 11 -9.48 4.86 10.21
N GLY A 12 -10.20 3.73 10.34
CA GLY A 12 -9.74 2.51 9.75
C GLY A 12 -9.67 2.62 8.24
N ALA A 13 -10.32 3.63 7.70
CA ALA A 13 -10.33 3.88 6.27
C ALA A 13 -9.07 4.62 5.86
N ALA A 14 -8.75 5.68 6.60
CA ALA A 14 -7.56 6.47 6.32
C ALA A 14 -6.31 5.61 6.44
N ILE A 15 -6.13 5.02 7.62
CA ILE A 15 -4.98 4.15 7.86
C ILE A 15 -4.93 3.05 6.82
N GLY A 16 -6.10 2.51 6.49
CA GLY A 16 -6.18 1.47 5.49
C GLY A 16 -5.52 1.88 4.19
N LYS A 17 -5.72 3.14 3.81
CA LYS A 17 -5.13 3.66 2.58
C LYS A 17 -3.62 3.60 2.66
N GLY A 18 -3.09 3.94 3.83
CA GLY A 18 -1.66 3.92 4.03
C GLY A 18 -1.05 2.57 3.70
N LEU A 19 -1.62 1.51 4.29
CA LEU A 19 -1.14 0.16 4.04
C LEU A 19 -1.09 -0.13 2.55
N ARG A 20 -2.10 0.34 1.83
CA ARG A 20 -2.17 0.14 0.39
C ARG A 20 -0.93 0.70 -0.29
N ALA A 21 -0.60 1.96 0.02
CA ALA A 21 0.56 2.61 -0.56
C ALA A 21 1.84 1.82 -0.27
N ILE A 22 1.95 1.33 0.96
CA ILE A 22 3.12 0.55 1.35
C ILE A 22 3.25 -0.71 0.51
N ASN A 23 2.10 -1.29 0.14
CA ASN A 23 2.09 -2.49 -0.67
C ASN A 23 2.69 -2.22 -2.04
N ILE A 24 2.10 -1.28 -2.77
CA ILE A 24 2.59 -0.93 -4.10
C ILE A 24 4.05 -0.51 -4.04
N ALA A 25 4.46 0.01 -2.89
CA ALA A 25 5.85 0.44 -2.72
C ALA A 25 6.75 -0.76 -2.48
N SER A 26 6.22 -1.75 -1.76
CA SER A 26 6.97 -2.96 -1.48
C SER A 26 7.16 -3.76 -2.75
N THR A 27 6.40 -3.41 -3.79
CA THR A 27 6.49 -4.10 -5.08
C THR A 27 7.52 -3.41 -5.98
N ALA A 28 7.50 -2.08 -5.98
CA ALA A 28 8.42 -1.31 -6.81
C ALA A 28 9.85 -1.81 -6.66
N HIS A 29 10.40 -1.69 -5.45
CA HIS A 29 11.76 -2.14 -5.20
C HIS A 29 12.01 -3.52 -5.79
N ASP A 30 10.99 -4.38 -5.72
CA ASP A 30 11.10 -5.72 -6.26
C ASP A 30 11.21 -5.69 -7.78
N VAL A 31 10.57 -4.68 -8.39
CA VAL A 31 10.61 -4.53 -9.84
C VAL A 31 11.99 -4.11 -10.31
N TYR A 32 12.34 -2.85 -10.05
CA TYR A 32 13.64 -2.33 -10.44
C TYR A 32 14.71 -3.39 -10.19
N SER A 33 14.47 -4.21 -9.18
CA SER A 33 15.38 -5.28 -8.81
C SER A 33 15.55 -6.26 -9.96
N PHE A 34 14.48 -6.96 -10.30
CA PHE A 34 14.50 -7.93 -11.39
C PHE A 34 14.13 -7.27 -12.71
N PHE A 35 14.38 -5.97 -12.79
CA PHE A 35 14.07 -5.21 -13.99
C PHE A 35 15.27 -5.13 -14.93
N LYS A 36 16.46 -5.05 -14.35
CA LYS A 36 17.69 -4.98 -15.13
C LYS A 36 17.59 -5.87 -16.37
N PRO A 37 17.23 -7.15 -16.17
CA PRO A 37 17.09 -8.11 -17.27
C PRO A 37 15.77 -7.94 -18.02
N LYS A 38 15.45 -6.69 -18.35
CA LYS A 38 14.23 -6.37 -19.07
C LYS A 38 14.18 -4.88 -19.39
N HIS A 39 13.98 -4.07 -18.35
CA HIS A 39 13.91 -2.61 -18.51
C HIS A 39 13.42 -2.21 -19.90
N LYS A 40 14.36 -2.07 -20.83
CA LYS A 40 14.04 -1.68 -22.19
C LYS A 40 15.27 -1.19 -22.94
N LYS A 41 15.07 -0.71 -24.16
CA LYS A 41 16.17 -0.20 -24.98
C LYS A 41 17.24 0.47 -24.12
N LYS A 42 16.80 1.14 -23.07
CA LYS A 42 17.72 1.82 -22.16
C LYS A 42 18.64 0.83 -21.46
N GLY A 1 -28.90 11.77 17.72
CA GLY A 1 -27.62 12.51 17.55
C GLY A 1 -26.81 12.01 16.37
N LYS A 2 -26.09 12.93 15.73
CA LYS A 2 -25.27 12.57 14.58
C LYS A 2 -23.82 12.31 14.99
N ILE A 3 -23.58 11.12 15.53
CA ILE A 3 -22.23 10.75 15.96
C ILE A 3 -21.59 9.77 14.98
N PRO A 4 -20.93 10.29 13.94
CA PRO A 4 -20.26 9.48 12.92
C PRO A 4 -19.02 8.78 13.46
N VAL A 5 -19.18 8.01 14.52
CA VAL A 5 -18.06 7.28 15.11
C VAL A 5 -17.60 6.18 14.16
N LYS A 6 -18.55 5.64 13.41
CA LYS A 6 -18.25 4.59 12.44
C LYS A 6 -17.58 5.18 11.21
N ALA A 7 -17.57 6.52 11.14
CA ALA A 7 -16.95 7.21 10.02
C ALA A 7 -15.48 7.45 10.30
N ILE A 8 -15.20 8.01 11.48
CA ILE A 8 -13.82 8.26 11.88
C ILE A 8 -13.09 6.94 12.07
N LYS A 9 -13.84 5.91 12.46
CA LYS A 9 -13.26 4.59 12.65
C LYS A 9 -12.87 3.99 11.31
N LYS A 10 -13.80 4.03 10.36
CA LYS A 10 -13.54 3.51 9.03
C LYS A 10 -12.25 4.11 8.49
N ALA A 11 -12.00 5.35 8.86
CA ALA A 11 -10.80 6.05 8.42
C ALA A 11 -9.56 5.32 8.94
N GLY A 12 -9.52 5.08 10.24
CA GLY A 12 -8.40 4.36 10.80
C GLY A 12 -8.19 3.05 10.08
N ALA A 13 -9.23 2.59 9.40
CA ALA A 13 -9.17 1.35 8.64
C ALA A 13 -8.38 1.55 7.36
N ALA A 14 -8.84 2.48 6.53
CA ALA A 14 -8.16 2.76 5.27
C ALA A 14 -6.69 3.08 5.54
N ILE A 15 -6.42 3.67 6.70
CA ILE A 15 -5.07 4.01 7.09
C ILE A 15 -4.22 2.75 7.22
N GLY A 16 -4.78 1.74 7.88
CA GLY A 16 -4.07 0.49 8.06
C GLY A 16 -3.69 -0.13 6.73
N LYS A 17 -4.63 -0.11 5.78
CA LYS A 17 -4.39 -0.66 4.45
C LYS A 17 -3.41 0.21 3.68
N GLY A 18 -3.45 1.52 3.98
CA GLY A 18 -2.56 2.45 3.31
C GLY A 18 -1.10 2.08 3.51
N LEU A 19 -0.70 1.94 4.77
CA LEU A 19 0.68 1.57 5.09
C LEU A 19 1.02 0.24 4.46
N ARG A 20 0.10 -0.71 4.56
CA ARG A 20 0.29 -2.04 4.00
C ARG A 20 0.56 -1.96 2.50
N ALA A 21 -0.16 -1.06 1.83
CA ALA A 21 -0.01 -0.88 0.39
C ALA A 21 1.41 -0.43 0.05
N ILE A 22 1.93 0.52 0.82
CA ILE A 22 3.28 1.03 0.59
C ILE A 22 4.31 -0.07 0.71
N ASN A 23 4.04 -1.04 1.58
CA ASN A 23 4.95 -2.16 1.78
C ASN A 23 5.00 -3.03 0.53
N ILE A 24 3.88 -3.65 0.22
CA ILE A 24 3.78 -4.50 -0.96
C ILE A 24 4.17 -3.72 -2.20
N ALA A 25 4.00 -2.40 -2.15
CA ALA A 25 4.35 -1.55 -3.27
C ALA A 25 5.85 -1.33 -3.32
N SER A 26 6.45 -1.19 -2.14
CA SER A 26 7.88 -1.01 -2.03
C SER A 26 8.60 -2.22 -2.63
N THR A 27 7.87 -3.32 -2.74
CA THR A 27 8.41 -4.55 -3.29
C THR A 27 8.27 -4.58 -4.81
N ALA A 28 7.06 -4.33 -5.29
CA ALA A 28 6.79 -4.32 -6.72
C ALA A 28 7.66 -3.31 -7.44
N HIS A 29 7.71 -2.10 -6.89
CA HIS A 29 8.51 -1.03 -7.48
C HIS A 29 9.99 -1.40 -7.46
N ASP A 30 10.41 -2.08 -6.38
CA ASP A 30 11.80 -2.50 -6.24
C ASP A 30 12.17 -3.48 -7.35
N VAL A 31 11.24 -4.38 -7.65
CA VAL A 31 11.45 -5.37 -8.69
C VAL A 31 11.47 -4.72 -10.06
N TYR A 32 10.44 -3.92 -10.34
CA TYR A 32 10.37 -3.21 -11.61
C TYR A 32 11.57 -2.30 -11.77
N SER A 33 12.24 -2.04 -10.65
CA SER A 33 13.42 -1.19 -10.63
C SER A 33 14.62 -1.90 -11.24
N PHE A 34 15.05 -2.97 -10.58
CA PHE A 34 16.18 -3.74 -11.08
C PHE A 34 15.77 -4.56 -12.29
N PHE A 35 14.46 -4.61 -12.52
CA PHE A 35 13.91 -5.34 -13.64
C PHE A 35 14.55 -4.94 -14.95
N LYS A 36 14.03 -3.88 -15.56
CA LYS A 36 14.52 -3.36 -16.85
C LYS A 36 15.37 -4.37 -17.62
N PRO A 37 16.65 -4.56 -17.22
CA PRO A 37 17.54 -5.50 -17.91
C PRO A 37 16.92 -6.89 -18.08
N LYS A 38 16.55 -7.22 -19.31
CA LYS A 38 15.94 -8.51 -19.62
C LYS A 38 14.50 -8.56 -19.15
N HIS A 39 14.30 -8.28 -17.86
CA HIS A 39 12.97 -8.29 -17.26
C HIS A 39 11.94 -7.62 -18.17
N LYS A 40 10.68 -7.70 -17.76
CA LYS A 40 9.59 -7.11 -18.52
C LYS A 40 8.48 -6.64 -17.60
N LYS A 41 7.39 -6.15 -18.18
CA LYS A 41 6.26 -5.67 -17.39
C LYS A 41 5.18 -6.73 -17.30
N LYS A 42 4.51 -6.99 -18.41
CA LYS A 42 3.45 -7.99 -18.47
C LYS A 42 2.57 -7.91 -17.22
N GLY A 1 -21.14 5.91 21.93
CA GLY A 1 -21.12 5.64 23.40
C GLY A 1 -19.76 5.89 24.02
N LYS A 2 -19.34 5.01 24.92
CA LYS A 2 -18.06 5.14 25.59
C LYS A 2 -16.98 5.63 24.63
N ILE A 3 -16.90 4.97 23.47
CA ILE A 3 -15.91 5.34 22.46
C ILE A 3 -16.55 5.40 21.08
N PRO A 4 -16.36 6.52 20.37
CA PRO A 4 -16.91 6.73 19.02
C PRO A 4 -16.58 5.57 18.08
N VAL A 5 -17.37 4.51 18.17
CA VAL A 5 -17.18 3.35 17.32
C VAL A 5 -17.27 3.75 15.87
N LYS A 6 -18.28 4.54 15.56
CA LYS A 6 -18.48 5.02 14.20
C LYS A 6 -17.25 5.79 13.76
N ALA A 7 -16.45 6.23 14.75
CA ALA A 7 -15.23 6.95 14.48
C ALA A 7 -14.09 5.99 14.25
N ILE A 8 -14.06 4.93 15.06
CA ILE A 8 -13.04 3.91 14.94
C ILE A 8 -13.16 3.20 13.59
N LYS A 9 -14.39 3.21 13.05
CA LYS A 9 -14.65 2.58 11.76
C LYS A 9 -14.06 3.44 10.65
N LYS A 10 -14.49 4.69 10.59
CA LYS A 10 -14.00 5.62 9.59
C LYS A 10 -12.48 5.62 9.61
N ALA A 11 -11.90 5.40 10.79
CA ALA A 11 -10.46 5.36 10.93
C ALA A 11 -9.91 4.13 10.25
N GLY A 12 -10.54 2.99 10.50
CA GLY A 12 -10.09 1.76 9.87
C GLY A 12 -10.00 1.94 8.37
N ALA A 13 -10.72 2.94 7.85
CA ALA A 13 -10.70 3.23 6.43
C ALA A 13 -9.43 3.96 6.05
N ALA A 14 -9.12 5.02 6.79
CA ALA A 14 -7.91 5.80 6.54
C ALA A 14 -6.68 4.91 6.58
N ILE A 15 -6.63 4.04 7.57
CA ILE A 15 -5.51 3.11 7.71
C ILE A 15 -5.37 2.27 6.46
N GLY A 16 -6.51 1.77 5.97
CA GLY A 16 -6.49 0.95 4.78
C GLY A 16 -5.74 1.61 3.64
N LYS A 17 -5.92 2.92 3.49
CA LYS A 17 -5.23 3.66 2.44
C LYS A 17 -3.73 3.65 2.66
N GLY A 18 -3.33 3.79 3.93
CA GLY A 18 -1.91 3.78 4.26
C GLY A 18 -1.22 2.53 3.79
N LEU A 19 -1.86 1.38 3.99
CA LEU A 19 -1.30 0.10 3.57
C LEU A 19 -1.08 0.07 2.07
N ARG A 20 -2.07 0.56 1.33
CA ARG A 20 -1.99 0.61 -0.12
C ARG A 20 -0.70 1.28 -0.56
N ALA A 21 -0.35 2.38 0.11
CA ALA A 21 0.87 3.12 -0.21
C ALA A 21 2.08 2.23 -0.01
N ILE A 22 2.20 1.65 1.18
CA ILE A 22 3.32 0.77 1.50
C ILE A 22 3.43 -0.34 0.46
N ASN A 23 2.30 -0.66 -0.16
CA ASN A 23 2.25 -1.70 -1.19
C ASN A 23 3.03 -1.24 -2.43
N ILE A 24 2.57 -0.15 -3.02
CA ILE A 24 3.21 0.41 -4.20
C ILE A 24 4.68 0.67 -3.95
N ALA A 25 5.04 0.82 -2.67
CA ALA A 25 6.43 1.07 -2.30
C ALA A 25 7.21 -0.23 -2.31
N SER A 26 6.60 -1.29 -1.78
CA SER A 26 7.24 -2.60 -1.75
C SER A 26 7.27 -3.20 -3.15
N THR A 27 6.62 -2.53 -4.09
CA THR A 27 6.58 -3.01 -5.48
C THR A 27 7.75 -2.44 -6.27
N ALA A 28 7.86 -1.12 -6.29
CA ALA A 28 8.93 -0.45 -7.03
C ALA A 28 10.21 -1.26 -6.97
N HIS A 29 10.75 -1.41 -5.77
CA HIS A 29 11.99 -2.17 -5.58
C HIS A 29 11.91 -3.50 -6.31
N ASP A 30 10.80 -4.21 -6.13
CA ASP A 30 10.60 -5.49 -6.79
C ASP A 30 10.85 -5.38 -8.28
N VAL A 31 10.44 -4.26 -8.87
CA VAL A 31 10.65 -4.03 -10.29
C VAL A 31 12.13 -3.92 -10.60
N TYR A 32 12.80 -3.03 -9.88
CA TYR A 32 14.24 -2.85 -10.07
C TYR A 32 14.96 -4.16 -9.83
N SER A 33 14.27 -5.08 -9.16
CA SER A 33 14.81 -6.40 -8.86
C SER A 33 14.86 -7.27 -10.10
N PHE A 34 13.69 -7.58 -10.64
CA PHE A 34 13.59 -8.40 -11.84
C PHE A 34 14.24 -7.68 -13.01
N PHE A 35 14.43 -6.38 -12.84
CA PHE A 35 15.03 -5.55 -13.86
C PHE A 35 16.25 -6.23 -14.50
N LYS A 36 17.40 -6.08 -13.85
CA LYS A 36 18.66 -6.65 -14.33
C LYS A 36 18.64 -6.98 -15.82
N PRO A 37 18.04 -8.13 -16.23
CA PRO A 37 17.97 -8.53 -17.63
C PRO A 37 17.70 -7.33 -18.54
N LYS A 38 18.73 -6.90 -19.26
CA LYS A 38 18.60 -5.76 -20.16
C LYS A 38 18.42 -4.47 -19.35
N HIS A 39 17.34 -4.44 -18.59
CA HIS A 39 17.04 -3.29 -17.74
C HIS A 39 18.30 -2.65 -17.19
N LYS A 40 18.71 -3.08 -16.00
CA LYS A 40 19.91 -2.55 -15.36
C LYS A 40 21.16 -2.94 -16.13
N LYS A 41 21.68 -4.13 -15.84
CA LYS A 41 22.88 -4.63 -16.50
C LYS A 41 22.78 -6.13 -16.77
N LYS A 42 23.84 -6.68 -17.33
CA LYS A 42 23.88 -8.12 -17.64
C LYS A 42 23.27 -8.94 -16.51
N GLY A 1 -23.58 9.25 17.62
CA GLY A 1 -24.05 10.42 18.41
C GLY A 1 -22.98 10.98 19.32
N LYS A 2 -22.84 10.38 20.50
CA LYS A 2 -21.83 10.83 21.46
C LYS A 2 -20.44 10.37 21.06
N ILE A 3 -20.28 9.06 20.93
CA ILE A 3 -19.00 8.49 20.54
C ILE A 3 -19.01 8.04 19.09
N PRO A 4 -18.39 8.82 18.20
CA PRO A 4 -18.31 8.51 16.77
C PRO A 4 -17.63 7.18 16.50
N VAL A 5 -18.38 6.09 16.69
CA VAL A 5 -17.83 4.76 16.47
C VAL A 5 -17.65 4.50 14.97
N LYS A 6 -18.62 4.96 14.19
CA LYS A 6 -18.55 4.80 12.75
C LYS A 6 -17.48 5.73 12.18
N ALA A 7 -17.03 6.66 13.02
CA ALA A 7 -15.99 7.60 12.62
C ALA A 7 -14.62 6.97 12.76
N ILE A 8 -14.40 6.35 13.91
CA ILE A 8 -13.12 5.69 14.17
C ILE A 8 -12.89 4.59 13.13
N LYS A 9 -13.97 3.97 12.68
CA LYS A 9 -13.90 2.92 11.68
C LYS A 9 -13.39 3.51 10.37
N LYS A 10 -14.06 4.55 9.90
CA LYS A 10 -13.67 5.22 8.66
C LYS A 10 -12.18 5.53 8.68
N ALA A 11 -11.70 6.03 9.81
CA ALA A 11 -10.30 6.36 9.96
C ALA A 11 -9.45 5.11 9.80
N GLY A 12 -9.88 4.03 10.42
CA GLY A 12 -9.15 2.78 10.32
C GLY A 12 -9.13 2.28 8.88
N ALA A 13 -9.96 2.89 8.05
CA ALA A 13 -10.04 2.53 6.63
C ALA A 13 -8.88 3.12 5.87
N ALA A 14 -8.70 4.44 5.98
CA ALA A 14 -7.62 5.13 5.30
C ALA A 14 -6.28 4.59 5.76
N ILE A 15 -6.17 4.30 7.06
CA ILE A 15 -4.94 3.78 7.62
C ILE A 15 -4.59 2.42 7.01
N GLY A 16 -5.60 1.57 6.86
CA GLY A 16 -5.40 0.26 6.30
C GLY A 16 -4.87 0.34 4.87
N LYS A 17 -5.37 1.31 4.12
CA LYS A 17 -4.96 1.51 2.74
C LYS A 17 -3.60 2.20 2.67
N GLY A 18 -3.31 3.00 3.70
CA GLY A 18 -2.04 3.71 3.73
C GLY A 18 -0.87 2.77 3.91
N LEU A 19 -0.96 1.90 4.91
CA LEU A 19 0.11 0.95 5.19
C LEU A 19 0.15 -0.14 4.13
N ARG A 20 -1.03 -0.52 3.62
CA ARG A 20 -1.12 -1.55 2.60
C ARG A 20 -0.57 -1.04 1.28
N ALA A 21 -0.69 0.28 1.05
CA ALA A 21 -0.21 0.88 -0.17
C ALA A 21 1.32 0.92 -0.18
N ILE A 22 1.91 1.16 0.98
CA ILE A 22 3.36 1.22 1.10
C ILE A 22 3.97 -0.17 0.94
N ASN A 23 3.21 -1.19 1.30
CA ASN A 23 3.68 -2.57 1.17
C ASN A 23 3.83 -2.93 -0.30
N ILE A 24 2.71 -2.96 -1.01
CA ILE A 24 2.71 -3.28 -2.42
C ILE A 24 3.65 -2.35 -3.18
N ALA A 25 3.79 -1.13 -2.67
CA ALA A 25 4.68 -0.16 -3.29
C ALA A 25 6.12 -0.51 -3.00
N SER A 26 6.37 -0.96 -1.77
CA SER A 26 7.71 -1.36 -1.37
C SER A 26 8.18 -2.52 -2.23
N THR A 27 7.23 -3.18 -2.89
CA THR A 27 7.54 -4.30 -3.76
C THR A 27 7.78 -3.82 -5.18
N ALA A 28 7.10 -2.75 -5.56
CA ALA A 28 7.24 -2.19 -6.90
C ALA A 28 8.70 -1.90 -7.22
N HIS A 29 9.36 -1.16 -6.33
CA HIS A 29 10.77 -0.83 -6.52
C HIS A 29 11.58 -2.10 -6.69
N ASP A 30 11.22 -3.13 -5.94
CA ASP A 30 11.91 -4.42 -6.02
C ASP A 30 11.84 -4.96 -7.44
N VAL A 31 10.72 -4.73 -8.11
CA VAL A 31 10.53 -5.19 -9.47
C VAL A 31 11.46 -4.45 -10.42
N TYR A 32 11.21 -3.16 -10.62
CA TYR A 32 12.05 -2.35 -11.49
C TYR A 32 13.52 -2.72 -11.27
N SER A 33 13.81 -3.14 -10.05
CA SER A 33 15.16 -3.55 -9.66
C SER A 33 15.67 -4.68 -10.55
N PHE A 34 15.03 -5.84 -10.42
CA PHE A 34 15.41 -7.02 -11.19
C PHE A 34 14.82 -6.94 -12.60
N PHE A 35 14.26 -5.78 -12.94
CA PHE A 35 13.65 -5.57 -14.24
C PHE A 35 14.69 -5.29 -15.31
N LYS A 36 15.26 -4.10 -15.29
CA LYS A 36 16.26 -3.71 -16.26
C LYS A 36 17.18 -4.87 -16.59
N PRO A 37 17.68 -5.59 -15.56
CA PRO A 37 18.56 -6.73 -15.78
C PRO A 37 17.96 -7.75 -16.74
N LYS A 38 16.66 -7.66 -16.98
CA LYS A 38 15.98 -8.58 -17.89
C LYS A 38 14.55 -8.13 -18.22
N HIS A 39 14.34 -6.83 -18.39
CA HIS A 39 13.01 -6.31 -18.73
C HIS A 39 12.26 -7.30 -19.63
N LYS A 40 12.82 -7.56 -20.80
CA LYS A 40 12.22 -8.48 -21.75
C LYS A 40 13.29 -9.27 -22.51
N LYS A 41 14.31 -9.71 -21.79
CA LYS A 41 15.40 -10.46 -22.39
C LYS A 41 15.87 -9.80 -23.67
N LYS A 42 16.49 -8.63 -23.53
CA LYS A 42 16.98 -7.88 -24.68
C LYS A 42 18.51 -7.87 -24.69
N GLY A 1 -24.67 -0.46 18.89
CA GLY A 1 -23.23 -0.63 19.18
C GLY A 1 -22.71 0.40 20.17
N LYS A 2 -21.40 0.35 20.44
CA LYS A 2 -20.79 1.28 21.38
C LYS A 2 -19.68 2.08 20.70
N ILE A 3 -19.48 3.32 21.16
CA ILE A 3 -18.45 4.19 20.61
C ILE A 3 -18.61 4.35 19.09
N PRO A 4 -18.24 5.52 18.56
CA PRO A 4 -18.35 5.81 17.13
C PRO A 4 -17.76 4.70 16.27
N VAL A 5 -18.60 3.70 15.97
CA VAL A 5 -18.16 2.58 15.15
C VAL A 5 -17.95 3.02 13.70
N LYS A 6 -18.82 3.90 13.22
CA LYS A 6 -18.69 4.41 11.87
C LYS A 6 -17.40 5.22 11.76
N ALA A 7 -16.88 5.62 12.93
CA ALA A 7 -15.64 6.38 12.99
C ALA A 7 -14.45 5.44 12.98
N ILE A 8 -14.57 4.35 13.74
CA ILE A 8 -13.51 3.36 13.80
C ILE A 8 -13.33 2.69 12.44
N LYS A 9 -14.43 2.58 11.70
CA LYS A 9 -14.40 1.98 10.37
C LYS A 9 -13.63 2.88 9.42
N LYS A 10 -14.00 4.15 9.39
CA LYS A 10 -13.33 5.11 8.53
C LYS A 10 -11.82 5.02 8.73
N ALA A 11 -11.41 4.81 9.98
CA ALA A 11 -10.00 4.69 10.30
C ALA A 11 -9.41 3.46 9.63
N GLY A 12 -10.12 2.33 9.76
CA GLY A 12 -9.65 1.12 9.12
C GLY A 12 -9.39 1.35 7.65
N ALA A 13 -10.00 2.40 7.11
CA ALA A 13 -9.83 2.74 5.70
C ALA A 13 -8.56 3.58 5.51
N ALA A 14 -8.49 4.68 6.25
CA ALA A 14 -7.33 5.56 6.17
C ALA A 14 -6.07 4.79 6.52
N ILE A 15 -6.14 4.01 7.60
CA ILE A 15 -5.01 3.20 8.03
C ILE A 15 -4.60 2.24 6.92
N GLY A 16 -5.59 1.56 6.36
CA GLY A 16 -5.34 0.64 5.28
C GLY A 16 -4.57 1.29 4.15
N LYS A 17 -4.85 2.58 3.93
CA LYS A 17 -4.17 3.34 2.88
C LYS A 17 -2.73 3.64 3.29
N GLY A 18 -2.54 3.92 4.58
CA GLY A 18 -1.21 4.21 5.08
C GLY A 18 -0.27 3.05 4.84
N LEU A 19 -0.73 1.85 5.17
CA LEU A 19 0.07 0.65 4.97
C LEU A 19 0.28 0.40 3.48
N ARG A 20 -0.73 0.75 2.69
CA ARG A 20 -0.67 0.59 1.25
C ARG A 20 0.33 1.57 0.66
N ALA A 21 0.57 2.66 1.39
CA ALA A 21 1.51 3.68 0.95
C ALA A 21 2.94 3.17 1.04
N ILE A 22 3.28 2.57 2.18
CA ILE A 22 4.61 2.02 2.40
C ILE A 22 4.82 0.77 1.54
N ASN A 23 3.71 0.12 1.19
CA ASN A 23 3.77 -1.09 0.38
C ASN A 23 4.05 -0.74 -1.08
N ILE A 24 3.40 0.31 -1.57
CA ILE A 24 3.58 0.74 -2.94
C ILE A 24 5.01 1.22 -3.17
N ALA A 25 5.59 1.82 -2.13
CA ALA A 25 6.96 2.31 -2.22
C ALA A 25 7.94 1.17 -2.03
N SER A 26 7.60 0.27 -1.11
CA SER A 26 8.44 -0.90 -0.87
C SER A 26 8.30 -1.89 -2.00
N THR A 27 7.33 -1.64 -2.89
CA THR A 27 7.10 -2.52 -4.03
C THR A 27 7.92 -2.06 -5.23
N ALA A 28 7.94 -0.76 -5.48
CA ALA A 28 8.68 -0.20 -6.59
C ALA A 28 9.98 -0.97 -6.80
N HIS A 29 10.87 -0.87 -5.83
CA HIS A 29 12.16 -1.55 -5.89
C HIS A 29 11.96 -3.04 -6.19
N ASP A 30 10.90 -3.62 -5.63
CA ASP A 30 10.59 -5.02 -5.83
C ASP A 30 10.28 -5.29 -7.31
N VAL A 31 9.53 -4.39 -7.92
CA VAL A 31 9.17 -4.52 -9.32
C VAL A 31 10.37 -4.32 -10.23
N TYR A 32 10.98 -3.14 -10.14
CA TYR A 32 12.15 -2.83 -10.94
C TYR A 32 13.21 -3.91 -10.77
N SER A 33 13.10 -4.68 -9.70
CA SER A 33 14.03 -5.76 -9.41
C SER A 33 13.73 -6.96 -10.29
N PHE A 34 12.55 -7.53 -10.12
CA PHE A 34 12.13 -8.69 -10.91
C PHE A 34 11.97 -8.29 -12.37
N PHE A 35 11.95 -6.98 -12.61
CA PHE A 35 11.81 -6.45 -13.96
C PHE A 35 12.56 -7.29 -14.98
N LYS A 36 13.88 -7.08 -15.04
CA LYS A 36 14.77 -7.79 -15.97
C LYS A 36 14.02 -8.40 -17.16
N PRO A 37 13.36 -9.56 -16.96
CA PRO A 37 12.60 -10.23 -18.02
C PRO A 37 11.70 -9.27 -18.79
N LYS A 38 11.37 -8.14 -18.16
CA LYS A 38 10.51 -7.14 -18.79
C LYS A 38 11.33 -5.98 -19.34
N HIS A 39 11.68 -5.03 -18.48
CA HIS A 39 12.46 -3.88 -18.88
C HIS A 39 12.01 -3.34 -20.24
N LYS A 40 12.80 -2.43 -20.80
CA LYS A 40 12.49 -1.84 -22.10
C LYS A 40 13.63 -0.94 -22.56
N LYS A 41 13.32 0.00 -23.45
CA LYS A 41 14.32 0.92 -23.98
C LYS A 41 14.20 2.30 -23.32
N LYS A 42 15.26 2.72 -22.64
CA LYS A 42 15.27 4.02 -21.98
C LYS A 42 16.13 5.01 -22.74
N GLY A 1 -22.63 10.26 17.69
CA GLY A 1 -22.40 11.09 18.90
C GLY A 1 -21.86 10.29 20.06
N LYS A 2 -22.73 9.52 20.71
CA LYS A 2 -22.34 8.69 21.84
C LYS A 2 -21.79 7.35 21.37
N ILE A 3 -22.23 6.91 20.20
CA ILE A 3 -21.79 5.65 19.64
C ILE A 3 -21.19 5.85 18.25
N PRO A 4 -19.89 6.16 18.20
CA PRO A 4 -19.18 6.38 16.94
C PRO A 4 -18.67 5.09 16.33
N VAL A 5 -19.59 4.20 16.00
CA VAL A 5 -19.24 2.94 15.39
C VAL A 5 -18.76 3.15 13.96
N LYS A 6 -19.40 4.08 13.27
CA LYS A 6 -19.02 4.40 11.90
C LYS A 6 -17.71 5.18 11.90
N ALA A 7 -17.25 5.54 13.09
CA ALA A 7 -15.99 6.27 13.23
C ALA A 7 -14.83 5.30 13.31
N ILE A 8 -15.00 4.27 14.14
CA ILE A 8 -13.99 3.25 14.30
C ILE A 8 -13.70 2.60 12.94
N LYS A 9 -14.75 2.41 12.17
CA LYS A 9 -14.63 1.83 10.83
C LYS A 9 -13.89 2.80 9.92
N LYS A 10 -14.28 4.06 9.99
CA LYS A 10 -13.68 5.10 9.19
C LYS A 10 -12.17 5.14 9.42
N ALA A 11 -11.77 4.85 10.66
CA ALA A 11 -10.36 4.84 11.01
C ALA A 11 -9.64 3.71 10.29
N GLY A 12 -10.18 2.50 10.42
CA GLY A 12 -9.58 1.37 9.75
C GLY A 12 -9.42 1.63 8.27
N ALA A 13 -10.17 2.60 7.76
CA ALA A 13 -10.10 2.96 6.35
C ALA A 13 -8.85 3.78 6.06
N ALA A 14 -8.76 4.93 6.70
CA ALA A 14 -7.60 5.81 6.52
C ALA A 14 -6.30 5.07 6.77
N ILE A 15 -6.28 4.31 7.87
CA ILE A 15 -5.09 3.54 8.22
C ILE A 15 -4.66 2.64 7.07
N GLY A 16 -5.61 1.88 6.55
CA GLY A 16 -5.32 0.99 5.44
C GLY A 16 -4.63 1.70 4.29
N LYS A 17 -4.98 2.96 4.07
CA LYS A 17 -4.39 3.75 3.00
C LYS A 17 -2.91 3.97 3.26
N GLY A 18 -2.57 4.34 4.48
CA GLY A 18 -1.19 4.58 4.83
C GLY A 18 -0.31 3.37 4.55
N LEU A 19 -0.80 2.20 4.93
CA LEU A 19 -0.07 0.96 4.71
C LEU A 19 0.17 0.74 3.21
N ARG A 20 -0.85 1.01 2.42
CA ARG A 20 -0.75 0.85 0.96
C ARG A 20 0.38 1.69 0.40
N ALA A 21 0.64 2.83 1.05
CA ALA A 21 1.71 3.72 0.63
C ALA A 21 3.06 3.06 0.80
N ILE A 22 3.32 2.56 2.01
CA ILE A 22 4.58 1.89 2.31
C ILE A 22 4.72 0.60 1.51
N ASN A 23 3.58 0.03 1.14
CA ASN A 23 3.57 -1.21 0.37
C ASN A 23 4.00 -0.93 -1.07
N ILE A 24 3.36 0.05 -1.69
CA ILE A 24 3.68 0.42 -3.06
C ILE A 24 5.17 0.75 -3.19
N ALA A 25 5.73 1.31 -2.12
CA ALA A 25 7.15 1.67 -2.11
C ALA A 25 8.01 0.41 -2.17
N SER A 26 7.69 -0.55 -1.31
CA SER A 26 8.42 -1.81 -1.28
C SER A 26 8.19 -2.58 -2.56
N THR A 27 7.26 -2.11 -3.39
CA THR A 27 6.95 -2.74 -4.65
C THR A 27 7.85 -2.21 -5.76
N ALA A 28 8.02 -0.90 -5.79
CA ALA A 28 8.85 -0.26 -6.80
C ALA A 28 10.14 -1.04 -7.01
N HIS A 29 11.02 -1.01 -6.02
CA HIS A 29 12.29 -1.73 -6.09
C HIS A 29 12.06 -3.18 -6.49
N ASP A 30 10.93 -3.74 -6.04
CA ASP A 30 10.58 -5.12 -6.36
C ASP A 30 10.33 -5.28 -7.85
N VAL A 31 9.96 -4.18 -8.51
CA VAL A 31 9.70 -4.19 -9.93
C VAL A 31 11.00 -4.09 -10.72
N TYR A 32 11.87 -3.18 -10.28
CA TYR A 32 13.15 -2.99 -10.93
C TYR A 32 13.99 -4.27 -10.78
N SER A 33 13.60 -5.10 -9.84
CA SER A 33 14.29 -6.35 -9.58
C SER A 33 13.86 -7.40 -10.60
N PHE A 34 12.58 -7.74 -10.58
CA PHE A 34 12.04 -8.71 -11.52
C PHE A 34 12.27 -8.21 -12.94
N PHE A 35 12.45 -6.90 -13.04
CA PHE A 35 12.69 -6.25 -14.32
C PHE A 35 13.54 -7.11 -15.25
N LYS A 36 14.86 -7.10 -15.02
CA LYS A 36 15.82 -7.85 -15.82
C LYS A 36 15.27 -8.24 -17.19
N PRO A 37 14.43 -9.30 -17.28
CA PRO A 37 13.85 -9.75 -18.54
C PRO A 37 13.62 -8.60 -19.50
N LYS A 38 14.63 -8.28 -20.30
CA LYS A 38 14.54 -7.19 -21.27
C LYS A 38 14.57 -5.84 -20.56
N HIS A 39 13.62 -5.66 -19.64
CA HIS A 39 13.50 -4.42 -18.86
C HIS A 39 14.80 -3.63 -18.84
N LYS A 40 15.72 -4.02 -17.97
CA LYS A 40 17.00 -3.34 -17.86
C LYS A 40 18.14 -4.33 -17.64
N LYS A 41 19.31 -3.82 -17.26
CA LYS A 41 20.47 -4.65 -17.02
C LYS A 41 20.72 -4.83 -15.52
N LYS A 42 21.08 -6.04 -15.13
CA LYS A 42 21.34 -6.34 -13.72
C LYS A 42 20.38 -5.56 -12.81
N GLY A 1 -23.44 5.36 26.30
CA GLY A 1 -23.53 6.81 25.96
C GLY A 1 -23.40 7.05 24.47
N LYS A 2 -22.17 7.05 23.98
CA LYS A 2 -21.90 7.28 22.56
C LYS A 2 -20.92 6.25 22.02
N ILE A 3 -21.33 5.50 21.01
CA ILE A 3 -20.49 4.48 20.40
C ILE A 3 -20.24 4.78 18.93
N PRO A 4 -19.30 5.70 18.64
CA PRO A 4 -18.97 6.10 17.28
C PRO A 4 -18.30 4.99 16.48
N VAL A 5 -19.11 4.05 15.99
CA VAL A 5 -18.59 2.95 15.20
C VAL A 5 -18.24 3.43 13.80
N LYS A 6 -19.10 4.27 13.24
CA LYS A 6 -18.88 4.83 11.92
C LYS A 6 -17.56 5.57 11.90
N ALA A 7 -17.08 5.94 13.08
CA ALA A 7 -15.81 6.64 13.21
C ALA A 7 -14.67 5.63 13.28
N ILE A 8 -14.91 4.54 14.02
CA ILE A 8 -13.92 3.49 14.16
C ILE A 8 -13.66 2.83 12.80
N LYS A 9 -14.70 2.80 11.97
CA LYS A 9 -14.58 2.22 10.64
C LYS A 9 -13.76 3.13 9.74
N LYS A 10 -14.14 4.40 9.70
CA LYS A 10 -13.42 5.37 8.90
C LYS A 10 -11.95 5.39 9.28
N ALA A 11 -11.65 4.97 10.50
CA ALA A 11 -10.28 4.93 10.97
C ALA A 11 -9.53 3.77 10.35
N GLY A 12 -10.16 2.59 10.39
CA GLY A 12 -9.54 1.42 9.80
C GLY A 12 -9.33 1.61 8.31
N ALA A 13 -9.97 2.63 7.75
CA ALA A 13 -9.85 2.92 6.33
C ALA A 13 -8.61 3.76 6.05
N ALA A 14 -8.53 4.91 6.71
CA ALA A 14 -7.40 5.80 6.54
C ALA A 14 -6.10 5.07 6.80
N ILE A 15 -6.08 4.28 7.86
CA ILE A 15 -4.90 3.50 8.20
C ILE A 15 -4.62 2.47 7.13
N GLY A 16 -5.69 1.83 6.64
CA GLY A 16 -5.55 0.84 5.61
C GLY A 16 -4.82 1.39 4.40
N LYS A 17 -5.01 2.68 4.13
CA LYS A 17 -4.35 3.32 3.00
C LYS A 17 -2.89 3.62 3.33
N GLY A 18 -2.64 3.94 4.60
CA GLY A 18 -1.28 4.24 5.03
C GLY A 18 -0.33 3.10 4.77
N LEU A 19 -0.73 1.90 5.19
CA LEU A 19 0.11 0.71 5.00
C LEU A 19 0.21 0.38 3.51
N ARG A 20 -0.91 0.44 2.82
CA ARG A 20 -0.94 0.14 1.39
C ARG A 20 0.05 1.04 0.65
N ALA A 21 0.11 2.31 1.04
CA ALA A 21 1.02 3.25 0.41
C ALA A 21 2.46 2.75 0.52
N ILE A 22 2.88 2.42 1.73
CA ILE A 22 4.22 1.92 1.97
C ILE A 22 4.44 0.61 1.23
N ASN A 23 3.38 -0.18 1.11
CA ASN A 23 3.44 -1.45 0.40
C ASN A 23 3.83 -1.22 -1.05
N ILE A 24 2.98 -0.48 -1.77
CA ILE A 24 3.22 -0.18 -3.17
C ILE A 24 4.62 0.39 -3.38
N ALA A 25 5.08 1.17 -2.40
CA ALA A 25 6.40 1.78 -2.49
C ALA A 25 7.49 0.73 -2.35
N SER A 26 7.33 -0.16 -1.38
CA SER A 26 8.30 -1.22 -1.16
C SER A 26 8.17 -2.28 -2.25
N THR A 27 7.19 -2.11 -3.13
CA THR A 27 6.96 -3.05 -4.23
C THR A 27 7.75 -2.64 -5.47
N ALA A 28 7.46 -1.43 -5.96
CA ALA A 28 8.14 -0.92 -7.15
C ALA A 28 9.60 -1.38 -7.21
N HIS A 29 10.33 -1.09 -6.15
CA HIS A 29 11.74 -1.47 -6.08
C HIS A 29 11.94 -2.93 -6.47
N ASP A 30 11.16 -3.82 -5.85
CA ASP A 30 11.25 -5.24 -6.13
C ASP A 30 10.96 -5.54 -7.60
N VAL A 31 10.22 -4.64 -8.25
CA VAL A 31 9.87 -4.80 -9.65
C VAL A 31 11.06 -4.48 -10.55
N TYR A 32 11.48 -3.23 -10.53
CA TYR A 32 12.61 -2.80 -11.33
C TYR A 32 13.81 -3.73 -11.10
N SER A 33 13.78 -4.41 -9.96
CA SER A 33 14.84 -5.33 -9.60
C SER A 33 14.79 -6.59 -10.46
N PHE A 34 13.69 -7.32 -10.35
CA PHE A 34 13.49 -8.54 -11.12
C PHE A 34 12.84 -8.23 -12.46
N PHE A 35 12.99 -6.98 -12.90
CA PHE A 35 12.42 -6.55 -14.16
C PHE A 35 13.36 -6.81 -15.33
N LYS A 36 14.62 -6.41 -15.17
CA LYS A 36 15.64 -6.60 -16.19
C LYS A 36 15.32 -7.77 -17.10
N PRO A 37 15.14 -8.97 -16.53
CA PRO A 37 14.81 -10.15 -17.31
C PRO A 37 13.94 -9.81 -18.51
N LYS A 38 13.11 -8.79 -18.35
CA LYS A 38 12.23 -8.34 -19.43
C LYS A 38 11.40 -7.13 -19.01
N HIS A 39 12.07 -6.10 -18.46
CA HIS A 39 11.40 -4.87 -18.03
C HIS A 39 10.13 -4.61 -18.83
N LYS A 40 10.29 -4.35 -20.11
CA LYS A 40 9.16 -4.09 -20.99
C LYS A 40 8.06 -3.32 -20.25
N LYS A 41 8.33 -2.05 -19.96
CA LYS A 41 7.37 -1.21 -19.25
C LYS A 41 6.06 -1.12 -20.03
N LYS A 42 6.12 -0.56 -21.22
CA LYS A 42 4.94 -0.41 -22.07
C LYS A 42 5.16 -1.07 -23.42
#